data_8C46
#
_entry.id   8C46
#
_cell.length_a   53.231
_cell.length_b   104.622
_cell.length_c   145.372
_cell.angle_alpha   90.000
_cell.angle_beta   90.000
_cell.angle_gamma   90.000
#
_symmetry.space_group_name_H-M   'P 2 21 21'
#
loop_
_entity.id
_entity.type
_entity.pdbx_description
1 polymer 'N-carbamoyl-beta-alanine amidohydrolase'
2 non-polymer '2-(N-MORPHOLINO)-ETHANESULFONIC ACID'
3 non-polymer 'ZINC ION'
4 water water
#
_entity_poly.entity_id   1
_entity_poly.type   'polypeptide(L)'
_entity_poly.pdbx_seq_one_letter_code
;LTVNGDRLWDSLMDMAKIGPGIAGGNNRRTLTDEDAEGRRLFQRWCEAAGLTMGVDRMGTMFATRPGEDPEALPVYIGSH
LDTQPTGGKFDGVLGVLAGLEVVRSLNDLNIKTKHPIVVTNWSNEEGARFAPAMLASGVFAGIHDLDYAYSRTDTDGKTY
GEELKRIGWLGEEEVGARRMHAYFEYHIEQGPILEADGKQIGVVTHGQGLWWLEVTLTGKEAHTGSTPMAMRVNAGLAAA
RILEKVQEVAMAHQPGAVAGVGQMIFTPNSRNVLPGKVVFTIDLRTPSQAKLDSMRAIFEREVPAIAEELGVGCSIEAIG
HFDPVTFDAVLVGRVRAAAERLGYSHMDIISGAGHDACWTARVAPSTMIFCPCVDGLSHNEAEEISPEWAAAGCDVLLHA
VLETAEIVQ
;
_entity_poly.pdbx_strand_id   A,B
#
# COMPACT_ATOMS: atom_id res chain seq x y z
N LEU A 1 16.86 47.25 13.98
CA LEU A 1 16.34 46.23 14.94
C LEU A 1 16.40 44.83 14.34
N THR A 2 17.02 43.87 15.03
CA THR A 2 16.93 42.48 14.63
C THR A 2 16.82 41.61 15.88
N VAL A 3 16.47 40.37 15.60
CA VAL A 3 16.37 39.30 16.56
C VAL A 3 17.77 38.73 16.78
N ASN A 4 17.88 38.05 17.90
CA ASN A 4 19.01 37.25 18.23
C ASN A 4 18.84 35.90 17.52
N GLY A 5 19.48 35.73 16.35
CA GLY A 5 19.43 34.51 15.57
C GLY A 5 20.03 33.29 16.27
N ASP A 6 21.07 33.52 17.09
CA ASP A 6 21.68 32.48 17.90
C ASP A 6 20.70 31.95 18.95
N ARG A 7 19.98 32.84 19.60
CA ARG A 7 18.95 32.47 20.55
C ARG A 7 17.78 31.76 19.85
N LEU A 8 17.40 32.26 18.66
CA LEU A 8 16.36 31.58 17.93
C LEU A 8 16.81 30.14 17.62
N TRP A 9 18.02 30.01 17.10
CA TRP A 9 18.55 28.74 16.64
C TRP A 9 18.61 27.73 17.77
N ASP A 10 19.14 28.16 18.93
CA ASP A 10 19.21 27.33 20.10
C ASP A 10 17.84 26.79 20.51
N SER A 11 16.79 27.62 20.42
CA SER A 11 15.45 27.22 20.80
C SER A 11 14.98 26.13 19.85
N LEU A 12 15.22 26.31 18.54
CA LEU A 12 14.88 25.31 17.55
C LEU A 12 15.55 23.97 17.89
N MET A 13 16.83 23.99 18.32
CA MET A 13 17.54 22.74 18.59
C MET A 13 17.05 22.14 19.92
N ASP A 14 16.68 22.97 20.88
CA ASP A 14 16.09 22.48 22.13
C ASP A 14 14.76 21.81 21.88
N MET A 15 13.91 22.41 21.03
CA MET A 15 12.62 21.79 20.76
C MET A 15 12.83 20.50 19.95
N ALA A 16 13.83 20.46 19.07
CA ALA A 16 14.09 19.27 18.26
C ALA A 16 14.48 18.08 19.14
N LYS A 17 15.01 18.32 20.35
CA LYS A 17 15.34 17.27 21.29
C LYS A 17 14.11 16.58 21.87
N ILE A 18 12.90 17.13 21.67
CA ILE A 18 11.71 16.48 22.18
C ILE A 18 11.06 15.67 21.08
N GLY A 19 10.67 14.45 21.44
CA GLY A 19 10.14 13.45 20.52
C GLY A 19 11.01 13.31 19.28
N PRO A 20 12.31 13.02 19.47
CA PRO A 20 13.24 12.98 18.34
C PRO A 20 12.82 11.82 17.45
N GLY A 21 12.98 12.01 16.14
CA GLY A 21 12.65 10.98 15.19
C GLY A 21 13.82 10.03 15.07
N ILE A 22 13.85 9.36 13.93
CA ILE A 22 14.71 8.21 13.70
C ILE A 22 15.91 8.60 12.81
N ALA A 23 16.09 9.91 12.54
CA ALA A 23 17.11 10.41 11.64
C ALA A 23 17.32 11.94 11.79
N GLY A 24 17.43 12.43 13.04
CA GLY A 24 17.78 13.82 13.29
C GLY A 24 16.62 14.82 13.15
N GLY A 25 15.43 14.34 12.73
CA GLY A 25 14.18 15.10 12.74
C GLY A 25 13.35 14.72 13.97
N ASN A 26 12.03 14.75 13.84
CA ASN A 26 11.13 14.64 14.97
C ASN A 26 9.95 13.71 14.62
N ASN A 27 9.55 12.93 15.62
CA ASN A 27 8.27 12.25 15.63
C ASN A 27 7.60 12.73 16.93
N ARG A 28 6.99 13.91 16.85
CA ARG A 28 6.28 14.52 17.96
C ARG A 28 4.88 14.84 17.44
N ARG A 29 4.15 13.74 17.17
CA ARG A 29 2.77 13.84 16.72
C ARG A 29 1.87 14.40 17.83
N THR A 30 0.79 15.07 17.38
CA THR A 30 -0.17 15.75 18.20
C THR A 30 -0.68 14.83 19.31
N LEU A 31 -0.75 15.36 20.52
CA LEU A 31 -1.31 14.70 21.71
C LEU A 31 -0.57 13.42 22.10
N THR A 32 0.66 13.21 21.63
CA THR A 32 1.49 12.16 22.19
C THR A 32 2.03 12.69 23.52
N ASP A 33 2.68 11.83 24.31
CA ASP A 33 3.44 12.30 25.46
C ASP A 33 4.58 13.24 25.03
N GLU A 34 5.19 12.95 23.86
CA GLU A 34 6.21 13.78 23.26
C GLU A 34 5.72 15.20 22.95
N ASP A 35 4.51 15.31 22.40
CA ASP A 35 3.88 16.60 22.18
C ASP A 35 3.67 17.31 23.52
N ALA A 36 3.22 16.58 24.57
CA ALA A 36 2.99 17.17 25.89
C ALA A 36 4.29 17.75 26.43
N GLU A 37 5.39 17.02 26.18
CA GLU A 37 6.72 17.48 26.55
C GLU A 37 7.07 18.79 25.86
N GLY A 38 6.83 18.87 24.53
CA GLY A 38 7.09 20.10 23.79
C GLY A 38 6.24 21.27 24.27
N ARG A 39 4.94 21.01 24.54
CA ARG A 39 4.02 22.02 25.04
C ARG A 39 4.56 22.62 26.33
N ARG A 40 4.99 21.75 27.23
CA ARG A 40 5.45 22.17 28.55
C ARG A 40 6.71 23.03 28.41
N LEU A 41 7.68 22.60 27.60
CA LEU A 41 8.92 23.33 27.41
C LEU A 41 8.62 24.75 26.89
N PHE A 42 7.72 24.82 25.87
CA PHE A 42 7.31 26.09 25.29
C PHE A 42 6.67 26.98 26.34
N GLN A 43 5.80 26.38 27.16
CA GLN A 43 5.18 27.12 28.25
C GLN A 43 6.21 27.67 29.21
N ARG A 44 7.23 26.86 29.53
CA ARG A 44 8.28 27.29 30.46
C ARG A 44 8.99 28.51 29.88
N TRP A 45 9.30 28.47 28.58
CA TRP A 45 9.98 29.56 27.89
C TRP A 45 9.11 30.83 27.89
N CYS A 46 7.83 30.65 27.57
CA CYS A 46 6.84 31.70 27.55
C CYS A 46 6.74 32.41 28.92
N GLU A 47 6.64 31.60 29.98
CA GLU A 47 6.59 32.16 31.33
C GLU A 47 7.87 32.89 31.67
N ALA A 48 9.03 32.34 31.28
CA ALA A 48 10.31 32.98 31.56
C ALA A 48 10.44 34.32 30.84
N ALA A 49 9.72 34.49 29.71
CA ALA A 49 9.67 35.71 28.92
C ALA A 49 8.51 36.63 29.32
N GLY A 50 7.91 36.43 30.52
CA GLY A 50 6.84 37.29 31.05
C GLY A 50 5.44 37.13 30.40
N LEU A 51 5.22 36.03 29.65
CA LEU A 51 3.93 35.81 28.98
C LEU A 51 2.98 35.06 29.91
N THR A 52 1.69 35.38 29.83
CA THR A 52 0.66 34.58 30.49
C THR A 52 0.12 33.59 29.48
N MET A 53 -0.16 32.36 29.94
CA MET A 53 -0.58 31.24 29.11
C MET A 53 -2.09 31.04 29.18
N GLY A 54 -2.72 31.03 28.00
CA GLY A 54 -4.09 30.59 27.80
C GLY A 54 -4.12 29.29 26.99
N VAL A 55 -5.10 28.44 27.28
CA VAL A 55 -5.29 27.18 26.53
C VAL A 55 -6.78 27.02 26.21
N ASP A 56 -7.13 26.70 24.96
CA ASP A 56 -8.52 26.45 24.61
C ASP A 56 -8.87 24.96 24.72
N ARG A 57 -10.16 24.65 24.48
CA ARG A 57 -10.69 23.30 24.61
C ARG A 57 -10.15 22.36 23.53
N MET A 58 -9.39 22.87 22.53
CA MET A 58 -8.67 22.06 21.54
C MET A 58 -7.20 21.88 21.93
N GLY A 59 -6.76 22.53 23.01
CA GLY A 59 -5.38 22.54 23.46
C GLY A 59 -4.49 23.55 22.75
N THR A 60 -5.04 24.44 21.89
CA THR A 60 -4.23 25.50 21.35
C THR A 60 -3.72 26.37 22.50
N MET A 61 -2.44 26.75 22.44
CA MET A 61 -1.79 27.53 23.46
C MET A 61 -1.53 28.96 22.96
N PHE A 62 -1.96 29.93 23.76
CA PHE A 62 -1.88 31.36 23.51
C PHE A 62 -1.10 32.01 24.66
N ALA A 63 0.10 32.49 24.32
CA ALA A 63 1.00 33.14 25.28
C ALA A 63 0.99 34.65 25.01
N THR A 64 0.43 35.42 25.95
CA THR A 64 0.17 36.84 25.78
C THR A 64 1.25 37.70 26.43
N ARG A 65 1.78 38.64 25.66
CA ARG A 65 2.60 39.75 26.11
C ARG A 65 1.67 40.97 26.17
N PRO A 66 1.51 41.65 27.33
CA PRO A 66 0.58 42.78 27.42
C PRO A 66 0.91 43.91 26.43
N GLY A 67 -0.15 44.55 25.96
CA GLY A 67 -0.09 45.85 25.31
C GLY A 67 -0.35 47.00 26.26
N GLU A 68 0.09 48.20 25.92
CA GLU A 68 -0.25 49.40 26.66
C GLU A 68 -1.70 49.90 26.46
N ASP A 69 -2.43 49.51 25.39
CA ASP A 69 -3.84 49.88 25.24
C ASP A 69 -4.68 48.68 25.69
N PRO A 70 -5.43 48.77 26.80
CA PRO A 70 -6.15 47.61 27.32
C PRO A 70 -7.40 47.26 26.50
N GLU A 71 -7.85 48.11 25.58
CA GLU A 71 -8.94 47.76 24.68
C GLU A 71 -8.48 47.17 23.35
N ALA A 72 -7.19 47.37 23.01
CA ALA A 72 -6.64 46.92 21.75
C ALA A 72 -6.63 45.39 21.69
N LEU A 73 -7.09 44.85 20.54
CA LEU A 73 -7.02 43.42 20.30
C LEU A 73 -5.58 43.00 20.03
N PRO A 74 -5.21 41.73 20.29
CA PRO A 74 -3.82 41.29 20.09
C PRO A 74 -3.46 41.06 18.63
N VAL A 75 -2.16 41.22 18.38
CA VAL A 75 -1.52 40.76 17.17
C VAL A 75 -1.02 39.36 17.50
N TYR A 76 -1.54 38.37 16.77
CA TYR A 76 -1.22 36.97 16.96
C TYR A 76 -0.11 36.56 16.02
N ILE A 77 0.81 35.78 16.59
CA ILE A 77 1.86 35.14 15.84
C ILE A 77 1.69 33.66 16.07
N GLY A 78 1.35 32.93 15.02
CA GLY A 78 1.04 31.54 15.24
C GLY A 78 1.84 30.56 14.41
N SER A 79 1.97 29.34 14.95
CA SER A 79 2.12 28.14 14.12
C SER A 79 1.79 26.89 14.97
N HIS A 80 2.56 25.78 14.85
CA HIS A 80 2.26 24.53 15.51
C HIS A 80 3.56 23.84 15.91
N LEU A 81 3.55 23.17 17.07
CA LEU A 81 4.68 22.38 17.52
C LEU A 81 4.53 20.89 17.16
N ASP A 82 3.33 20.43 16.74
CA ASP A 82 3.13 19.04 16.37
C ASP A 82 3.78 18.78 15.00
N THR A 83 4.25 17.55 14.83
CA THR A 83 5.02 17.17 13.65
C THR A 83 4.37 15.95 12.99
N GLN A 84 4.80 15.73 11.76
CA GLN A 84 4.63 14.48 11.06
C GLN A 84 5.40 13.37 11.77
N PRO A 85 5.03 12.07 11.62
CA PRO A 85 5.85 10.97 12.17
C PRO A 85 7.29 11.00 11.66
N THR A 86 7.51 11.30 10.38
CA THR A 86 8.82 11.70 9.84
C THR A 86 8.87 13.24 9.78
N GLY A 87 8.86 13.84 10.98
CA GLY A 87 8.80 15.28 11.05
C GLY A 87 10.17 15.91 10.83
N GLY A 88 10.17 17.09 10.17
CA GLY A 88 11.31 17.99 10.25
C GLY A 88 11.32 18.77 11.55
N LYS A 89 12.48 19.32 11.87
CA LYS A 89 12.67 20.18 13.03
C LYS A 89 12.03 21.57 12.88
N PHE A 90 11.65 22.01 11.65
CA PHE A 90 11.41 23.43 11.37
C PHE A 90 9.96 23.70 10.98
N ASP A 91 9.32 22.73 10.31
CA ASP A 91 7.92 22.84 10.00
C ASP A 91 7.13 23.10 11.27
N GLY A 92 6.38 24.22 11.27
CA GLY A 92 5.58 24.57 12.44
C GLY A 92 6.40 25.22 13.56
N VAL A 93 7.44 24.53 14.00
CA VAL A 93 8.23 24.92 15.15
C VAL A 93 8.83 26.30 14.90
N LEU A 94 9.28 26.57 13.67
CA LEU A 94 9.91 27.83 13.37
C LEU A 94 8.98 29.02 13.69
N GLY A 95 7.71 28.93 13.29
CA GLY A 95 6.74 29.99 13.50
C GLY A 95 6.48 30.25 14.98
N VAL A 96 6.34 29.17 15.73
CA VAL A 96 6.03 29.29 17.14
C VAL A 96 7.20 29.96 17.83
N LEU A 97 8.37 29.38 17.60
CA LEU A 97 9.57 29.85 18.28
C LEU A 97 10.03 31.20 17.75
N ALA A 98 9.70 31.55 16.50
CA ALA A 98 9.95 32.90 16.04
C ALA A 98 9.13 33.92 16.86
N GLY A 99 7.86 33.56 17.14
CA GLY A 99 7.01 34.41 17.95
C GLY A 99 7.65 34.61 19.31
N LEU A 100 8.21 33.54 19.87
CA LEU A 100 8.91 33.59 21.15
C LEU A 100 10.17 34.46 21.06
N GLU A 101 10.91 34.37 19.95
CA GLU A 101 12.09 35.19 19.77
C GLU A 101 11.70 36.67 19.61
N VAL A 102 10.59 36.95 18.91
CA VAL A 102 10.10 38.31 18.81
C VAL A 102 9.90 38.88 20.23
N VAL A 103 9.18 38.14 21.09
CA VAL A 103 8.92 38.59 22.45
C VAL A 103 10.23 38.90 23.16
N ARG A 104 11.14 37.93 23.15
CA ARG A 104 12.43 38.04 23.81
C ARG A 104 13.22 39.23 23.31
N SER A 105 13.13 39.51 21.98
CA SER A 105 13.76 40.67 21.40
C SER A 105 13.12 41.97 21.89
N LEU A 106 11.78 42.00 21.93
CA LEU A 106 11.06 43.12 22.53
C LEU A 106 11.40 43.24 24.02
N ASN A 107 11.51 42.13 24.78
CA ASN A 107 11.90 42.23 26.19
C ASN A 107 13.33 42.77 26.36
N ASP A 108 14.29 42.26 25.60
CA ASP A 108 15.66 42.79 25.61
C ASP A 108 15.72 44.32 25.49
N LEU A 109 14.83 44.90 24.69
CA LEU A 109 14.87 46.32 24.41
C LEU A 109 13.91 47.12 25.31
N ASN A 110 13.27 46.51 26.33
CA ASN A 110 12.07 46.99 27.01
C ASN A 110 11.04 47.65 26.08
N ILE A 111 10.70 47.04 24.95
CA ILE A 111 9.71 47.68 24.08
C ILE A 111 8.30 47.43 24.61
N LYS A 112 7.50 48.49 24.57
CA LYS A 112 6.09 48.46 24.92
C LYS A 112 5.34 48.63 23.62
N THR A 113 4.21 47.92 23.44
CA THR A 113 3.42 48.07 22.24
C THR A 113 1.97 48.46 22.61
N LYS A 114 1.25 49.06 21.67
CA LYS A 114 -0.13 49.43 21.94
C LYS A 114 -0.98 48.16 22.02
N HIS A 115 -0.91 47.36 20.96
CA HIS A 115 -1.52 46.05 20.91
C HIS A 115 -0.69 45.02 21.71
N PRO A 116 -1.35 44.15 22.54
CA PRO A 116 -0.70 42.93 23.01
C PRO A 116 -0.32 42.00 21.86
N ILE A 117 0.67 41.16 22.13
CA ILE A 117 1.17 40.18 21.20
C ILE A 117 0.91 38.83 21.85
N VAL A 118 0.32 37.93 21.05
CA VAL A 118 0.00 36.58 21.49
C VAL A 118 0.68 35.56 20.60
N VAL A 119 1.61 34.81 21.18
CA VAL A 119 2.30 33.73 20.48
C VAL A 119 1.45 32.47 20.64
N THR A 120 1.17 31.84 19.49
CA THR A 120 0.13 30.83 19.39
C THR A 120 0.74 29.52 18.85
N ASN A 121 0.53 28.43 19.62
CA ASN A 121 0.75 27.05 19.19
C ASN A 121 -0.60 26.40 18.95
N TRP A 122 -0.99 26.27 17.66
CA TRP A 122 -2.21 25.55 17.27
C TRP A 122 -2.04 24.05 17.52
N SER A 123 -3.11 23.43 18.03
CA SER A 123 -3.21 21.99 18.22
C SER A 123 -3.40 21.30 16.86
N ASN A 124 -2.74 20.13 16.67
CA ASN A 124 -2.89 19.23 15.52
C ASN A 124 -3.05 20.01 14.22
N GLU A 125 -1.99 20.75 13.89
CA GLU A 125 -1.98 21.29 12.56
C GLU A 125 -1.75 20.18 11.51
N GLU A 126 -0.87 19.19 11.80
CA GLU A 126 -0.35 18.33 10.74
C GLU A 126 -1.40 17.39 10.11
N GLY A 127 -2.34 16.89 10.93
CA GLY A 127 -3.38 15.99 10.45
C GLY A 127 -2.81 14.61 10.06
N ALA A 128 -1.65 14.28 10.61
CA ALA A 128 -0.99 13.03 10.37
C ALA A 128 -1.63 12.01 11.32
N ARG A 129 -1.77 12.34 12.62
CA ARG A 129 -2.35 11.38 13.55
C ARG A 129 -3.88 11.40 13.53
N PHE A 130 -4.47 12.62 13.63
CA PHE A 130 -5.91 12.80 13.47
C PHE A 130 -6.15 13.77 12.31
N ALA A 131 -6.98 13.36 11.34
CA ALA A 131 -7.36 14.14 10.20
C ALA A 131 -8.74 14.79 10.48
N PRO A 132 -9.07 15.99 9.92
CA PRO A 132 -8.15 16.76 9.08
C PRO A 132 -6.99 17.48 9.76
N ALA A 133 -6.04 17.86 8.91
CA ALA A 133 -5.04 18.85 9.27
C ALA A 133 -5.73 20.19 9.64
N MET A 134 -5.02 21.06 10.36
CA MET A 134 -5.52 22.39 10.73
C MET A 134 -6.79 22.27 11.57
N LEU A 135 -6.81 21.27 12.47
CA LEU A 135 -8.04 20.87 13.14
C LEU A 135 -8.47 21.92 14.16
N ALA A 136 -7.52 22.40 14.98
CA ALA A 136 -7.80 23.37 16.02
C ALA A 136 -8.09 24.75 15.43
N SER A 137 -7.26 25.23 14.49
CA SER A 137 -7.58 26.47 13.79
C SER A 137 -8.92 26.34 13.04
N GLY A 138 -9.25 25.15 12.52
CA GLY A 138 -10.54 24.84 11.89
C GLY A 138 -11.77 25.13 12.76
N VAL A 139 -11.69 24.69 14.03
CA VAL A 139 -12.73 24.94 15.01
C VAL A 139 -12.74 26.44 15.34
N PHE A 140 -11.55 27.02 15.51
CA PHE A 140 -11.41 28.43 15.78
C PHE A 140 -12.11 29.29 14.72
N ALA A 141 -11.90 28.98 13.44
CA ALA A 141 -12.52 29.73 12.34
C ALA A 141 -13.91 29.22 11.95
N GLY A 142 -14.53 28.36 12.76
CA GLY A 142 -15.90 27.90 12.54
C GLY A 142 -16.00 26.81 11.46
N ILE A 143 -14.88 26.24 10.98
CA ILE A 143 -14.95 25.30 9.87
C ILE A 143 -15.60 23.99 10.34
N HIS A 144 -15.39 23.61 11.61
CA HIS A 144 -16.06 22.44 12.14
C HIS A 144 -16.15 22.57 13.65
N ASP A 145 -17.08 21.81 14.21
CA ASP A 145 -17.43 21.99 15.60
C ASP A 145 -16.47 21.15 16.44
N LEU A 146 -16.52 21.40 17.74
CA LEU A 146 -15.65 20.78 18.72
C LEU A 146 -15.89 19.28 18.74
N ASP A 147 -17.19 18.91 18.77
CA ASP A 147 -17.73 17.56 18.62
C ASP A 147 -17.02 16.80 17.51
N TYR A 148 -17.07 17.34 16.27
CA TYR A 148 -16.47 16.71 15.12
C TYR A 148 -14.98 16.49 15.38
N ALA A 149 -14.31 17.54 15.89
CA ALA A 149 -12.87 17.55 16.11
C ALA A 149 -12.47 16.52 17.17
N TYR A 150 -13.24 16.50 18.28
CA TYR A 150 -13.05 15.52 19.35
C TYR A 150 -13.20 14.07 18.86
N SER A 151 -14.08 13.82 17.89
CA SER A 151 -14.41 12.46 17.46
C SER A 151 -13.44 11.94 16.42
N ARG A 152 -12.48 12.76 15.97
CA ARG A 152 -11.48 12.26 15.04
C ARG A 152 -10.68 11.22 15.79
N THR A 153 -10.44 10.08 15.13
CA THR A 153 -9.74 8.98 15.74
C THR A 153 -8.52 8.63 14.90
N ASP A 154 -7.49 8.14 15.57
CA ASP A 154 -6.19 7.83 14.99
C ASP A 154 -6.21 6.39 14.48
N THR A 155 -5.02 5.95 14.04
CA THR A 155 -4.77 4.62 13.51
C THR A 155 -4.76 3.57 14.62
N ASP A 156 -4.78 3.96 15.90
CA ASP A 156 -5.05 3.08 17.04
C ASP A 156 -6.52 3.11 17.49
N GLY A 157 -7.37 3.94 16.86
CA GLY A 157 -8.77 4.03 17.24
C GLY A 157 -9.03 4.86 18.51
N LYS A 158 -8.02 5.60 19.00
CA LYS A 158 -8.17 6.58 20.06
C LYS A 158 -8.73 7.86 19.45
N THR A 159 -9.60 8.56 20.21
CA THR A 159 -10.16 9.84 19.76
C THR A 159 -9.22 10.98 20.14
N TYR A 160 -9.38 12.09 19.41
CA TYR A 160 -8.62 13.31 19.66
C TYR A 160 -8.90 13.83 21.07
N GLY A 161 -10.19 13.90 21.41
CA GLY A 161 -10.66 14.47 22.66
C GLY A 161 -10.20 13.69 23.89
N GLU A 162 -10.16 12.34 23.82
CA GLU A 162 -9.64 11.50 24.89
C GLU A 162 -8.16 11.77 25.11
N GLU A 163 -7.42 11.77 23.99
CA GLU A 163 -5.98 11.99 24.04
C GLU A 163 -5.65 13.38 24.61
N LEU A 164 -6.48 14.38 24.24
CA LEU A 164 -6.29 15.73 24.73
C LEU A 164 -6.46 15.78 26.24
N LYS A 165 -7.45 15.03 26.76
CA LYS A 165 -7.64 14.87 28.19
C LYS A 165 -6.50 14.08 28.84
N ARG A 166 -6.06 12.99 28.18
CA ARG A 166 -5.04 12.08 28.70
C ARG A 166 -3.78 12.89 29.09
N ILE A 167 -3.28 13.74 28.18
CA ILE A 167 -2.09 14.57 28.43
C ILE A 167 -2.41 15.87 29.18
N GLY A 168 -3.69 16.19 29.46
CA GLY A 168 -4.07 17.30 30.35
C GLY A 168 -3.87 18.70 29.75
N TRP A 169 -4.11 18.81 28.43
CA TRP A 169 -4.03 20.05 27.67
C TRP A 169 -5.42 20.42 27.12
N LEU A 170 -6.48 19.86 27.75
CA LEU A 170 -7.85 20.27 27.44
C LEU A 170 -8.02 21.58 28.22
N GLY A 171 -7.95 22.66 27.48
CA GLY A 171 -7.96 23.95 28.09
C GLY A 171 -9.37 24.41 28.43
N GLU A 172 -9.36 25.42 29.27
CA GLU A 172 -10.55 26.10 29.74
C GLU A 172 -11.23 26.91 28.63
N GLU A 173 -10.46 27.57 27.74
CA GLU A 173 -11.02 28.63 26.91
C GLU A 173 -11.96 28.04 25.84
N GLU A 174 -12.95 28.84 25.42
CA GLU A 174 -13.84 28.51 24.33
C GLU A 174 -13.04 28.75 23.06
N VAL A 175 -13.07 27.76 22.17
CA VAL A 175 -12.31 27.84 20.93
C VAL A 175 -12.99 28.84 20.00
N GLY A 176 -12.21 29.77 19.44
CA GLY A 176 -12.73 30.76 18.49
C GLY A 176 -13.16 32.04 19.17
N ALA A 177 -13.04 32.10 20.50
CA ALA A 177 -13.54 33.18 21.35
C ALA A 177 -12.66 34.43 21.31
N ARG A 178 -11.35 34.28 21.06
CA ARG A 178 -10.42 35.39 20.86
C ARG A 178 -10.62 36.06 19.50
N ARG A 179 -10.63 37.39 19.52
CA ARG A 179 -10.63 38.23 18.34
C ARG A 179 -9.21 38.73 18.14
N MET A 180 -8.74 38.67 16.89
CA MET A 180 -7.37 39.03 16.55
C MET A 180 -7.42 40.35 15.80
N HIS A 181 -6.58 41.32 16.18
CA HIS A 181 -6.28 42.47 15.34
C HIS A 181 -5.65 42.02 14.02
N ALA A 182 -4.71 41.08 14.11
CA ALA A 182 -3.96 40.58 12.99
C ALA A 182 -3.36 39.23 13.37
N TYR A 183 -3.05 38.49 12.32
CA TYR A 183 -2.41 37.22 12.49
C TYR A 183 -1.27 37.11 11.49
N PHE A 184 -0.10 36.77 12.02
CA PHE A 184 1.07 36.41 11.24
C PHE A 184 1.43 34.97 11.52
N GLU A 185 1.77 34.25 10.45
CA GLU A 185 2.46 32.97 10.58
C GLU A 185 3.73 32.93 9.74
N TYR A 186 4.86 32.72 10.43
CA TYR A 186 6.14 32.46 9.79
C TYR A 186 6.33 30.95 9.64
N HIS A 187 6.65 30.46 8.43
CA HIS A 187 6.77 29.02 8.16
C HIS A 187 7.81 28.77 7.08
N ILE A 188 8.39 27.55 7.03
CA ILE A 188 9.22 27.14 5.89
C ILE A 188 8.35 27.00 4.63
N GLU A 189 8.93 27.23 3.46
CA GLU A 189 8.20 27.16 2.22
C GLU A 189 7.57 25.79 2.02
N GLN A 190 8.30 24.72 2.39
CA GLN A 190 7.97 23.32 2.13
C GLN A 190 8.05 23.05 0.63
N GLY A 191 8.75 23.90 -0.08
CA GLY A 191 8.88 23.83 -1.52
C GLY A 191 10.20 24.42 -1.89
N PRO A 192 10.63 24.26 -3.15
CA PRO A 192 11.98 24.67 -3.55
C PRO A 192 12.18 26.03 -4.19
N ILE A 193 11.12 26.87 -4.21
CA ILE A 193 11.13 28.08 -5.02
C ILE A 193 12.10 29.10 -4.44
N LEU A 194 11.99 29.41 -3.16
CA LEU A 194 12.79 30.49 -2.61
C LEU A 194 14.28 30.14 -2.71
N GLU A 195 14.60 28.90 -2.40
CA GLU A 195 15.97 28.45 -2.53
C GLU A 195 16.45 28.61 -3.98
N ALA A 196 15.68 28.09 -4.93
CA ALA A 196 16.09 28.09 -6.32
C ALA A 196 16.18 29.50 -6.88
N ASP A 197 15.35 30.45 -6.37
CA ASP A 197 15.42 31.83 -6.83
C ASP A 197 16.31 32.68 -5.94
N GLY A 198 16.92 32.10 -4.91
CA GLY A 198 17.97 32.76 -4.15
C GLY A 198 17.39 33.76 -3.20
N LYS A 199 16.14 33.57 -2.76
CA LYS A 199 15.48 34.61 -1.96
C LYS A 199 15.38 34.14 -0.52
N GLN A 200 15.69 35.04 0.37
CA GLN A 200 15.69 34.79 1.81
C GLN A 200 14.25 34.80 2.31
N ILE A 201 13.43 35.73 1.80
CA ILE A 201 12.09 35.96 2.31
C ILE A 201 11.05 35.71 1.23
N GLY A 202 10.12 34.80 1.52
CA GLY A 202 8.89 34.67 0.76
C GLY A 202 7.77 35.50 1.35
N VAL A 203 7.33 36.45 0.55
CA VAL A 203 6.22 37.34 0.93
C VAL A 203 4.97 36.61 0.45
N VAL A 204 4.30 35.91 1.36
CA VAL A 204 3.12 35.13 1.00
C VAL A 204 1.93 36.04 0.71
N THR A 205 1.35 35.89 -0.50
CA THR A 205 0.26 36.75 -0.94
C THR A 205 -1.06 35.99 -0.82
N HIS A 206 -1.02 34.67 -1.12
CA HIS A 206 -2.20 33.85 -1.21
C HIS A 206 -1.83 32.48 -0.70
N GLY A 207 -2.84 31.73 -0.30
CA GLY A 207 -2.72 30.29 -0.12
C GLY A 207 -3.54 29.57 -1.17
N GLN A 208 -2.96 28.50 -1.74
CA GLN A 208 -3.68 27.88 -2.85
C GLN A 208 -4.83 27.08 -2.25
N GLY A 209 -5.92 27.08 -2.99
CA GLY A 209 -7.08 26.29 -2.66
C GLY A 209 -6.85 24.84 -3.07
N LEU A 210 -7.65 23.91 -2.57
CA LEU A 210 -7.47 22.54 -2.93
C LEU A 210 -8.82 21.81 -2.92
N TRP A 211 -8.80 20.68 -3.66
CA TRP A 211 -9.64 19.52 -3.44
C TRP A 211 -8.76 18.30 -3.20
N TRP A 212 -9.17 17.52 -2.21
CA TRP A 212 -8.78 16.12 -2.11
C TRP A 212 -9.92 15.22 -2.56
N LEU A 213 -9.77 14.56 -3.71
CA LEU A 213 -10.81 13.70 -4.25
C LEU A 213 -10.39 12.26 -4.00
N GLU A 214 -11.03 11.59 -3.02
CA GLU A 214 -10.64 10.21 -2.75
C GLU A 214 -11.42 9.31 -3.67
N VAL A 215 -10.69 8.62 -4.55
CA VAL A 215 -11.24 7.75 -5.58
C VAL A 215 -11.14 6.30 -5.10
N THR A 216 -12.29 5.65 -5.01
CA THR A 216 -12.36 4.23 -4.80
C THR A 216 -12.72 3.53 -6.12
N LEU A 217 -11.83 2.70 -6.59
CA LEU A 217 -12.03 1.89 -7.77
C LEU A 217 -12.31 0.46 -7.35
N THR A 218 -13.30 -0.14 -8.02
CA THR A 218 -13.72 -1.51 -7.78
C THR A 218 -13.36 -2.33 -9.00
N GLY A 219 -12.41 -3.25 -8.80
CA GLY A 219 -12.03 -4.20 -9.84
C GLY A 219 -12.57 -5.57 -9.52
N LYS A 220 -12.11 -6.54 -10.28
CA LYS A 220 -12.33 -7.95 -10.00
C LYS A 220 -10.97 -8.58 -9.68
N GLU A 221 -10.91 -9.09 -8.47
CA GLU A 221 -9.83 -9.82 -7.92
C GLU A 221 -9.68 -11.10 -8.72
N ALA A 222 -8.53 -11.22 -9.40
CA ALA A 222 -8.33 -12.22 -10.46
C ALA A 222 -6.84 -12.61 -10.45
N HIS A 223 -6.54 -13.91 -10.39
CA HIS A 223 -5.17 -14.41 -10.50
C HIS A 223 -4.49 -13.80 -11.73
N THR A 224 -3.32 -13.19 -11.55
CA THR A 224 -2.60 -12.58 -12.68
C THR A 224 -1.96 -13.61 -13.65
N GLY A 225 -1.88 -14.87 -13.26
CA GLY A 225 -1.54 -15.98 -14.16
C GLY A 225 -2.72 -16.52 -14.98
N SER A 226 -3.78 -16.90 -14.28
CA SER A 226 -4.87 -17.70 -14.83
C SER A 226 -5.96 -16.89 -15.52
N THR A 227 -5.94 -15.56 -15.38
CA THR A 227 -6.98 -14.73 -15.96
C THR A 227 -6.45 -14.16 -17.29
N PRO A 228 -7.04 -14.51 -18.47
CA PRO A 228 -6.66 -13.89 -19.74
C PRO A 228 -6.89 -12.39 -19.69
N MET A 229 -6.10 -11.69 -20.46
CA MET A 229 -6.14 -10.25 -20.57
C MET A 229 -7.53 -9.75 -20.84
N ALA A 230 -8.25 -10.40 -21.76
CA ALA A 230 -9.55 -9.91 -22.20
C ALA A 230 -10.59 -10.08 -21.10
N MET A 231 -10.33 -10.88 -20.05
CA MET A 231 -11.31 -11.06 -18.99
C MET A 231 -10.92 -10.35 -17.70
N ARG A 232 -9.88 -9.51 -17.76
CA ARG A 232 -9.47 -8.81 -16.56
C ARG A 232 -10.33 -7.57 -16.37
N VAL A 233 -10.61 -7.30 -15.10
CA VAL A 233 -11.22 -6.03 -14.72
C VAL A 233 -10.24 -5.34 -13.80
N ASN A 234 -9.41 -4.47 -14.41
CA ASN A 234 -8.12 -4.13 -13.81
C ASN A 234 -8.12 -2.75 -13.15
N ALA A 235 -8.33 -2.72 -11.83
CA ALA A 235 -8.49 -1.47 -11.08
C ALA A 235 -7.15 -0.78 -10.86
N GLY A 236 -6.06 -1.56 -10.82
CA GLY A 236 -4.75 -0.97 -10.79
C GLY A 236 -4.39 -0.28 -12.07
N LEU A 237 -4.80 -0.87 -13.22
CA LEU A 237 -4.52 -0.18 -14.48
C LEU A 237 -5.35 1.10 -14.57
N ALA A 238 -6.61 1.03 -14.15
CA ALA A 238 -7.48 2.18 -14.13
C ALA A 238 -6.86 3.32 -13.32
N ALA A 239 -6.40 3.02 -12.09
CA ALA A 239 -5.68 3.91 -11.21
C ALA A 239 -4.50 4.54 -11.95
N ALA A 240 -3.71 3.73 -12.65
CA ALA A 240 -2.56 4.15 -13.41
C ALA A 240 -2.95 5.17 -14.47
N ARG A 241 -3.96 4.83 -15.27
CA ARG A 241 -4.40 5.74 -16.31
C ARG A 241 -4.96 7.04 -15.74
N ILE A 242 -5.60 6.97 -14.58
CA ILE A 242 -6.09 8.17 -13.90
C ILE A 242 -4.87 9.00 -13.46
N LEU A 243 -3.79 8.39 -12.93
CA LEU A 243 -2.59 9.16 -12.54
C LEU A 243 -1.99 9.91 -13.71
N GLU A 244 -2.03 9.30 -14.91
CA GLU A 244 -1.62 9.98 -16.15
C GLU A 244 -2.51 11.15 -16.46
N LYS A 245 -3.82 10.93 -16.39
CA LYS A 245 -4.77 12.00 -16.63
C LYS A 245 -4.60 13.17 -15.66
N VAL A 246 -4.38 12.86 -14.37
CA VAL A 246 -4.09 13.86 -13.39
C VAL A 246 -2.89 14.72 -13.79
N GLN A 247 -1.80 14.09 -14.22
CA GLN A 247 -0.66 14.83 -14.72
C GLN A 247 -0.98 15.68 -15.94
N GLU A 248 -1.74 15.11 -16.88
CA GLU A 248 -2.12 15.84 -18.08
C GLU A 248 -3.00 17.04 -17.72
N VAL A 249 -3.95 16.85 -16.80
CA VAL A 249 -4.81 17.93 -16.37
C VAL A 249 -4.00 19.05 -15.67
N ALA A 250 -3.08 18.67 -14.77
CA ALA A 250 -2.24 19.62 -14.07
C ALA A 250 -1.43 20.46 -15.08
N MET A 251 -0.86 19.77 -16.08
CA MET A 251 -0.04 20.43 -17.08
C MET A 251 -0.85 21.36 -17.97
N ALA A 252 -2.09 21.00 -18.26
CA ALA A 252 -2.93 21.85 -19.10
C ALA A 252 -3.31 23.14 -18.37
N HIS A 253 -3.20 23.21 -17.03
CA HIS A 253 -3.55 24.37 -16.24
C HIS A 253 -2.33 25.17 -15.74
N GLN A 254 -1.10 24.84 -16.20
CA GLN A 254 0.06 25.65 -15.84
C GLN A 254 -0.08 27.06 -16.42
N PRO A 255 0.54 28.13 -15.84
CA PRO A 255 1.28 28.05 -14.59
C PRO A 255 0.38 28.05 -13.37
N GLY A 256 0.95 27.77 -12.19
CA GLY A 256 0.26 27.94 -10.92
C GLY A 256 -0.97 27.06 -10.67
N ALA A 257 -0.84 25.76 -10.96
CA ALA A 257 -1.74 24.73 -10.52
C ALA A 257 -0.94 23.46 -10.29
N VAL A 258 -1.36 22.61 -9.35
CA VAL A 258 -0.75 21.30 -9.16
C VAL A 258 -1.84 20.23 -9.11
N ALA A 259 -1.50 19.01 -9.51
CA ALA A 259 -2.31 17.88 -9.17
C ALA A 259 -1.37 16.70 -9.18
N GLY A 260 -1.64 15.77 -8.25
CA GLY A 260 -0.85 14.56 -8.11
C GLY A 260 -1.42 13.68 -7.01
N VAL A 261 -0.75 12.55 -6.83
CA VAL A 261 -1.26 11.50 -5.97
C VAL A 261 -0.11 11.07 -5.08
N GLY A 262 -0.39 11.08 -3.76
CA GLY A 262 0.62 10.66 -2.78
C GLY A 262 0.35 9.31 -2.17
N GLN A 263 -0.94 8.95 -2.09
CA GLN A 263 -1.40 7.80 -1.37
C GLN A 263 -2.12 6.90 -2.34
N MET A 264 -1.70 5.65 -2.40
CA MET A 264 -2.26 4.65 -3.32
C MET A 264 -2.42 3.39 -2.49
N ILE A 265 -3.59 2.77 -2.48
CA ILE A 265 -3.83 1.60 -1.69
C ILE A 265 -4.52 0.55 -2.55
N PHE A 266 -3.78 -0.54 -2.82
CA PHE A 266 -4.30 -1.72 -3.47
C PHE A 266 -4.77 -2.68 -2.40
N THR A 267 -5.93 -3.35 -2.61
CA THR A 267 -6.37 -4.49 -1.78
C THR A 267 -6.67 -5.67 -2.71
N PRO A 268 -6.20 -6.91 -2.47
CA PRO A 268 -5.36 -7.30 -1.32
C PRO A 268 -3.87 -6.91 -1.35
N ASN A 269 -3.35 -6.41 -2.51
CA ASN A 269 -1.94 -6.05 -2.71
C ASN A 269 -1.00 -7.24 -2.74
N SER A 270 -1.48 -8.36 -3.26
CA SER A 270 -0.65 -9.53 -3.47
C SER A 270 -0.02 -9.44 -4.85
N ARG A 271 1.13 -10.09 -5.02
CA ARG A 271 1.85 -10.03 -6.28
C ARG A 271 1.10 -10.73 -7.43
N ASN A 272 0.27 -11.73 -7.11
CA ASN A 272 -0.38 -12.54 -8.14
C ASN A 272 -1.90 -12.39 -8.18
N VAL A 273 -2.42 -11.30 -7.65
CA VAL A 273 -3.88 -11.09 -7.63
C VAL A 273 -4.13 -9.63 -7.92
N LEU A 274 -4.86 -9.37 -9.03
CA LEU A 274 -5.31 -8.04 -9.39
C LEU A 274 -6.20 -7.47 -8.27
N PRO A 275 -6.12 -6.17 -7.95
CA PRO A 275 -6.79 -5.66 -6.75
C PRO A 275 -8.31 -5.67 -6.94
N GLY A 276 -9.00 -6.12 -5.89
CA GLY A 276 -10.44 -5.95 -5.76
C GLY A 276 -10.79 -4.48 -5.60
N LYS A 277 -9.96 -3.77 -4.85
CA LYS A 277 -10.24 -2.37 -4.55
C LYS A 277 -8.94 -1.60 -4.66
N VAL A 278 -8.99 -0.41 -5.34
CA VAL A 278 -7.90 0.52 -5.34
C VAL A 278 -8.42 1.84 -4.80
N VAL A 279 -7.74 2.40 -3.79
CA VAL A 279 -8.09 3.71 -3.24
C VAL A 279 -6.89 4.63 -3.36
N PHE A 280 -7.15 5.88 -3.78
CA PHE A 280 -6.12 6.91 -3.83
C PHE A 280 -6.76 8.31 -3.71
N THR A 281 -5.97 9.33 -3.38
CA THR A 281 -6.49 10.69 -3.26
C THR A 281 -5.84 11.55 -4.33
N ILE A 282 -6.66 12.19 -5.16
CA ILE A 282 -6.15 13.17 -6.10
C ILE A 282 -6.08 14.45 -5.32
N ASP A 283 -4.84 14.99 -5.15
CA ASP A 283 -4.61 16.25 -4.50
C ASP A 283 -4.48 17.27 -5.63
N LEU A 284 -5.45 18.19 -5.77
CA LEU A 284 -5.38 19.23 -6.80
C LEU A 284 -5.49 20.61 -6.13
N ARG A 285 -4.54 21.47 -6.47
CA ARG A 285 -4.38 22.78 -5.83
C ARG A 285 -4.07 23.86 -6.87
N THR A 286 -4.59 25.05 -6.53
CA THR A 286 -4.28 26.26 -7.31
C THR A 286 -4.74 27.49 -6.52
N PRO A 287 -4.02 28.63 -6.62
CA PRO A 287 -4.57 29.89 -6.12
C PRO A 287 -5.68 30.45 -7.02
N SER A 288 -5.86 29.89 -8.23
CA SER A 288 -6.83 30.38 -9.22
C SER A 288 -8.14 29.63 -8.99
N GLN A 289 -9.19 30.33 -8.53
CA GLN A 289 -10.50 29.71 -8.39
C GLN A 289 -10.91 29.06 -9.71
N ALA A 290 -10.73 29.76 -10.87
CA ALA A 290 -11.20 29.21 -12.12
C ALA A 290 -10.52 27.86 -12.40
N LYS A 291 -9.20 27.79 -12.14
CA LYS A 291 -8.44 26.58 -12.42
C LYS A 291 -8.83 25.48 -11.47
N LEU A 292 -9.12 25.83 -10.21
CA LEU A 292 -9.51 24.82 -9.22
C LEU A 292 -10.86 24.18 -9.58
N ASP A 293 -11.84 25.01 -9.98
CA ASP A 293 -13.16 24.55 -10.41
C ASP A 293 -13.00 23.66 -11.64
N SER A 294 -12.07 24.07 -12.52
CA SER A 294 -11.91 23.48 -13.85
C SER A 294 -11.30 22.08 -13.70
N MET A 295 -10.22 21.99 -12.92
CA MET A 295 -9.57 20.70 -12.66
C MET A 295 -10.58 19.78 -11.96
N ARG A 296 -11.33 20.31 -11.00
CA ARG A 296 -12.23 19.46 -10.23
C ARG A 296 -13.32 18.94 -11.15
N ALA A 297 -13.90 19.80 -11.98
CA ALA A 297 -14.93 19.40 -12.94
C ALA A 297 -14.38 18.34 -13.88
N ILE A 298 -13.16 18.55 -14.38
CA ILE A 298 -12.54 17.64 -15.33
C ILE A 298 -12.41 16.28 -14.69
N PHE A 299 -11.87 16.25 -13.45
CA PHE A 299 -11.71 14.98 -12.76
C PHE A 299 -13.03 14.24 -12.54
N GLU A 300 -14.09 14.97 -12.18
CA GLU A 300 -15.38 14.35 -11.90
C GLU A 300 -15.95 13.65 -13.14
N ARG A 301 -15.68 14.20 -14.34
CA ARG A 301 -16.13 13.64 -15.62
C ARG A 301 -15.20 12.51 -16.01
N GLU A 302 -13.87 12.75 -16.11
CA GLU A 302 -12.93 11.85 -16.75
C GLU A 302 -12.53 10.67 -15.87
N VAL A 303 -12.45 10.84 -14.55
CA VAL A 303 -12.02 9.72 -13.73
C VAL A 303 -12.96 8.55 -13.90
N PRO A 304 -14.31 8.67 -13.73
CA PRO A 304 -15.18 7.52 -13.92
C PRO A 304 -15.13 7.00 -15.37
N ALA A 305 -14.99 7.89 -16.39
CA ALA A 305 -14.85 7.43 -17.78
C ALA A 305 -13.63 6.58 -17.99
N ILE A 306 -12.49 6.93 -17.38
CA ILE A 306 -11.31 6.07 -17.51
C ILE A 306 -11.54 4.72 -16.81
N ALA A 307 -12.15 4.72 -15.60
CA ALA A 307 -12.56 3.50 -14.91
C ALA A 307 -13.50 2.65 -15.78
N GLU A 308 -14.52 3.30 -16.33
CA GLU A 308 -15.50 2.62 -17.18
C GLU A 308 -14.87 1.96 -18.40
N GLU A 309 -13.87 2.63 -18.96
CA GLU A 309 -13.07 2.07 -20.03
C GLU A 309 -12.55 0.67 -19.73
N LEU A 310 -12.28 0.38 -18.45
CA LEU A 310 -11.71 -0.89 -18.07
C LEU A 310 -12.69 -1.75 -17.30
N GLY A 311 -14.00 -1.36 -17.33
CA GLY A 311 -15.06 -2.06 -16.63
C GLY A 311 -14.93 -1.97 -15.11
N VAL A 312 -14.20 -0.97 -14.63
CA VAL A 312 -13.88 -0.81 -13.21
C VAL A 312 -14.87 0.20 -12.67
N GLY A 313 -15.43 -0.05 -11.48
CA GLY A 313 -16.37 0.86 -10.87
C GLY A 313 -15.61 1.96 -10.11
N CYS A 314 -16.25 3.10 -9.89
CA CYS A 314 -15.58 4.31 -9.50
C CYS A 314 -16.56 5.10 -8.66
N SER A 315 -16.17 5.41 -7.41
CA SER A 315 -16.84 6.46 -6.66
C SER A 315 -15.81 7.45 -6.11
N ILE A 316 -16.19 8.72 -6.13
CA ILE A 316 -15.28 9.80 -5.78
C ILE A 316 -15.87 10.54 -4.60
N GLU A 317 -15.10 10.70 -3.54
CA GLU A 317 -15.59 11.43 -2.39
C GLU A 317 -14.64 12.60 -2.18
N ALA A 318 -15.19 13.80 -2.04
CA ALA A 318 -14.42 14.99 -1.67
C ALA A 318 -14.10 14.90 -0.17
N ILE A 319 -12.84 14.67 0.20
CA ILE A 319 -12.47 14.49 1.60
C ILE A 319 -11.73 15.71 2.15
N GLY A 320 -11.62 16.74 1.35
CA GLY A 320 -10.91 17.96 1.74
C GLY A 320 -11.19 19.03 0.68
N HIS A 321 -11.37 20.26 1.18
CA HIS A 321 -11.58 21.36 0.29
C HIS A 321 -11.48 22.67 1.05
N PHE A 322 -10.79 23.64 0.44
CA PHE A 322 -11.02 25.04 0.71
C PHE A 322 -10.65 25.86 -0.52
N ASP A 323 -11.23 27.03 -0.62
CA ASP A 323 -11.04 27.83 -1.82
C ASP A 323 -9.69 28.55 -1.66
N PRO A 324 -9.11 29.14 -2.75
CA PRO A 324 -7.88 29.93 -2.59
C PRO A 324 -8.07 31.07 -1.58
N VAL A 325 -7.05 31.35 -0.77
CA VAL A 325 -7.07 32.32 0.31
C VAL A 325 -6.27 33.51 -0.16
N THR A 326 -6.77 34.73 0.03
CA THR A 326 -6.05 35.95 -0.19
C THR A 326 -5.63 36.49 1.17
N PHE A 327 -4.33 36.56 1.44
CA PHE A 327 -3.85 37.18 2.68
C PHE A 327 -4.10 38.69 2.62
N ASP A 328 -4.19 39.24 3.80
CA ASP A 328 -4.56 40.65 3.97
C ASP A 328 -3.51 41.55 3.31
N ALA A 329 -3.91 42.36 2.33
CA ALA A 329 -2.93 43.08 1.54
C ALA A 329 -2.09 44.07 2.36
N VAL A 330 -2.68 44.69 3.40
CA VAL A 330 -1.93 45.59 4.25
C VAL A 330 -0.83 44.82 5.02
N LEU A 331 -1.18 43.64 5.56
CA LEU A 331 -0.15 42.87 6.25
C LEU A 331 0.92 42.31 5.27
N VAL A 332 0.48 41.88 4.08
CA VAL A 332 1.41 41.42 3.07
C VAL A 332 2.44 42.54 2.80
N GLY A 333 1.95 43.75 2.52
CA GLY A 333 2.80 44.91 2.24
C GLY A 333 3.79 45.19 3.34
N ARG A 334 3.39 44.97 4.63
CA ARG A 334 4.29 45.20 5.74
C ARG A 334 5.44 44.25 5.67
N VAL A 335 5.15 43.00 5.40
CA VAL A 335 6.15 41.96 5.23
C VAL A 335 7.05 42.33 4.06
N ARG A 336 6.46 42.70 2.89
CA ARG A 336 7.30 43.01 1.74
C ARG A 336 8.25 44.20 2.05
N ALA A 337 7.69 45.29 2.60
CA ALA A 337 8.41 46.48 2.98
C ALA A 337 9.52 46.21 3.99
N ALA A 338 9.21 45.42 5.04
CA ALA A 338 10.19 45.11 6.04
C ALA A 338 11.37 44.36 5.40
N ALA A 339 11.08 43.37 4.52
CA ALA A 339 12.12 42.65 3.82
C ALA A 339 12.95 43.63 3.01
N GLU A 340 12.30 44.57 2.33
CA GLU A 340 13.03 45.55 1.53
C GLU A 340 13.92 46.38 2.41
N ARG A 341 13.35 46.95 3.45
CA ARG A 341 13.99 47.84 4.39
C ARG A 341 15.18 47.20 5.07
N LEU A 342 15.04 45.91 5.45
CA LEU A 342 16.10 45.18 6.14
C LEU A 342 17.21 44.78 5.19
N GLY A 343 16.98 44.91 3.86
CA GLY A 343 17.96 44.57 2.85
C GLY A 343 17.99 43.06 2.62
N TYR A 344 16.90 42.34 2.89
CA TYR A 344 16.88 40.92 2.59
C TYR A 344 16.38 40.75 1.17
N SER A 345 16.82 39.71 0.50
CA SER A 345 16.26 39.36 -0.79
C SER A 345 14.90 38.73 -0.57
N HIS A 346 13.98 39.06 -1.47
CA HIS A 346 12.60 38.63 -1.21
C HIS A 346 11.84 38.53 -2.51
N MET A 347 10.83 37.66 -2.49
CA MET A 347 9.87 37.58 -3.58
C MET A 347 8.47 37.25 -3.05
N ASP A 348 7.49 37.57 -3.88
CA ASP A 348 6.14 37.15 -3.58
C ASP A 348 5.99 35.66 -3.92
N ILE A 349 5.25 34.93 -3.08
CA ILE A 349 5.06 33.52 -3.27
C ILE A 349 3.62 33.17 -2.88
N ILE A 350 3.08 32.13 -3.47
CA ILE A 350 1.81 31.50 -3.10
C ILE A 350 2.12 30.43 -2.05
N SER A 351 1.36 30.32 -0.97
CA SER A 351 1.56 29.19 -0.10
C SER A 351 1.03 27.96 -0.80
N GLY A 352 1.90 26.97 -1.01
CA GLY A 352 1.49 25.77 -1.70
C GLY A 352 0.66 24.85 -0.83
N ALA A 353 1.04 24.72 0.45
CA ALA A 353 0.27 23.97 1.45
C ALA A 353 -0.77 24.83 2.18
N GLY A 354 -1.68 24.16 2.90
CA GLY A 354 -2.53 24.79 3.88
C GLY A 354 -1.75 24.92 5.19
N HIS A 355 -2.07 25.96 5.94
CA HIS A 355 -1.57 26.28 7.28
C HIS A 355 -2.75 26.85 8.05
N ASP A 356 -2.57 26.87 9.37
CA ASP A 356 -3.51 27.49 10.28
C ASP A 356 -3.85 28.92 9.83
N ALA A 357 -2.91 29.67 9.28
CA ALA A 357 -3.11 30.99 8.71
C ALA A 357 -4.26 31.03 7.67
N CYS A 358 -4.48 29.91 6.94
CA CYS A 358 -5.51 29.81 5.90
C CYS A 358 -6.91 29.82 6.51
N TRP A 359 -7.03 29.28 7.73
CA TRP A 359 -8.23 29.33 8.54
C TRP A 359 -8.38 30.65 9.28
N THR A 360 -7.30 31.17 9.91
CA THR A 360 -7.39 32.44 10.63
C THR A 360 -7.79 33.57 9.68
N ALA A 361 -7.38 33.48 8.39
CA ALA A 361 -7.72 34.44 7.35
C ALA A 361 -9.21 34.66 7.20
N ARG A 362 -10.07 33.69 7.59
CA ARG A 362 -11.51 33.87 7.62
C ARG A 362 -11.99 34.83 8.72
N VAL A 363 -11.33 34.91 9.87
CA VAL A 363 -11.84 35.63 11.03
C VAL A 363 -10.97 36.83 11.39
N ALA A 364 -9.79 37.00 10.76
CA ALA A 364 -8.81 37.98 11.18
C ALA A 364 -7.95 38.38 9.99
N PRO A 365 -7.48 39.66 9.86
CA PRO A 365 -6.44 40.02 8.89
C PRO A 365 -5.21 39.14 9.13
N SER A 366 -4.86 38.33 8.12
CA SER A 366 -3.86 37.27 8.23
C SER A 366 -2.85 37.39 7.11
N THR A 367 -1.61 37.09 7.45
CA THR A 367 -0.62 36.78 6.42
C THR A 367 0.43 35.79 6.88
N MET A 368 1.21 35.36 5.88
CA MET A 368 2.32 34.47 6.17
C MET A 368 3.65 35.03 5.67
N ILE A 369 4.73 34.53 6.25
CA ILE A 369 6.09 34.78 5.80
C ILE A 369 6.74 33.41 5.59
N PHE A 370 7.47 33.27 4.47
CA PHE A 370 8.25 32.07 4.25
C PHE A 370 9.73 32.34 4.36
N CYS A 371 10.40 31.32 4.89
CA CYS A 371 11.80 31.18 4.62
C CYS A 371 12.01 29.97 3.75
N PRO A 372 13.18 29.87 3.09
CA PRO A 372 13.48 28.74 2.22
C PRO A 372 13.65 27.47 3.05
N CYS A 373 13.60 26.36 2.33
CA CYS A 373 14.10 25.12 2.90
C CYS A 373 14.88 24.38 1.84
N VAL A 374 15.88 23.63 2.28
CA VAL A 374 16.77 22.89 1.39
C VAL A 374 15.98 21.87 0.57
N ASP A 375 16.06 22.08 -0.76
CA ASP A 375 15.59 21.18 -1.80
C ASP A 375 14.08 21.04 -1.80
N GLY A 376 13.38 22.03 -1.23
CA GLY A 376 11.95 21.89 -0.97
C GLY A 376 11.53 20.74 -0.06
N LEU A 377 12.49 20.14 0.68
CA LEU A 377 12.21 18.96 1.49
C LEU A 377 11.45 19.42 2.74
N SER A 378 10.25 18.85 2.93
CA SER A 378 9.49 18.97 4.18
C SER A 378 8.74 17.66 4.41
N HIS A 379 8.17 17.50 5.61
CA HIS A 379 7.46 16.28 6.04
C HIS A 379 8.41 15.07 5.98
N ASN A 380 9.68 15.33 6.34
CA ASN A 380 10.75 14.35 6.23
C ASN A 380 11.85 14.84 7.18
N GLU A 381 12.61 13.91 7.80
CA GLU A 381 13.51 14.27 8.88
C GLU A 381 14.71 15.09 8.36
N ALA A 382 14.97 15.00 7.03
CA ALA A 382 16.11 15.70 6.46
C ALA A 382 15.76 17.16 6.13
N GLU A 383 14.52 17.61 6.44
CA GLU A 383 14.06 18.98 6.22
C GLU A 383 15.04 19.95 6.87
N GLU A 384 15.52 20.92 6.09
CA GLU A 384 16.63 21.74 6.60
C GLU A 384 16.45 23.22 6.24
N ILE A 385 16.81 24.10 7.20
CA ILE A 385 17.12 25.50 6.97
C ILE A 385 18.47 25.84 7.60
N SER A 386 19.02 27.01 7.22
CA SER A 386 20.16 27.57 7.90
C SER A 386 19.66 28.45 9.04
N PRO A 387 20.45 28.63 10.09
CA PRO A 387 20.17 29.66 11.10
C PRO A 387 20.01 31.05 10.50
N GLU A 388 20.77 31.37 9.43
CA GLU A 388 20.67 32.64 8.71
C GLU A 388 19.28 32.80 8.11
N TRP A 389 18.79 31.78 7.40
CA TRP A 389 17.42 31.83 6.88
C TRP A 389 16.41 31.96 8.02
N ALA A 390 16.59 31.17 9.11
CA ALA A 390 15.66 31.23 10.22
C ALA A 390 15.54 32.66 10.73
N ALA A 391 16.69 33.32 10.88
CA ALA A 391 16.76 34.63 11.51
C ALA A 391 16.30 35.70 10.55
N ALA A 392 16.66 35.59 9.26
CA ALA A 392 16.20 36.55 8.27
C ALA A 392 14.67 36.71 8.35
N GLY A 393 13.94 35.61 8.20
CA GLY A 393 12.49 35.71 8.29
C GLY A 393 11.98 36.11 9.67
N CYS A 394 12.63 35.71 10.77
CA CYS A 394 12.17 36.12 12.09
C CYS A 394 12.32 37.66 12.24
N ASP A 395 13.34 38.25 11.62
CA ASP A 395 13.56 39.68 11.56
C ASP A 395 12.42 40.38 10.82
N VAL A 396 12.00 39.83 9.68
CA VAL A 396 10.87 40.37 8.93
C VAL A 396 9.58 40.28 9.76
N LEU A 397 9.44 39.13 10.43
CA LEU A 397 8.38 38.97 11.42
C LEU A 397 8.44 40.04 12.52
N LEU A 398 9.57 40.27 13.15
CA LEU A 398 9.69 41.26 14.20
C LEU A 398 9.18 42.64 13.74
N HIS A 399 9.67 43.08 12.56
CA HIS A 399 9.33 44.37 11.97
C HIS A 399 7.82 44.47 11.65
N ALA A 400 7.27 43.47 10.95
CA ALA A 400 5.88 43.47 10.49
C ALA A 400 4.95 43.49 11.70
N VAL A 401 5.29 42.70 12.73
CA VAL A 401 4.51 42.67 13.96
C VAL A 401 4.58 44.00 14.71
N LEU A 402 5.78 44.56 14.86
CA LEU A 402 5.99 45.78 15.62
C LEU A 402 5.31 46.94 14.90
N GLU A 403 5.33 46.97 13.55
CA GLU A 403 4.58 47.96 12.81
C GLU A 403 3.07 47.83 13.11
N THR A 404 2.57 46.60 13.24
CA THR A 404 1.17 46.30 13.45
C THR A 404 0.79 46.54 14.93
N ALA A 405 1.64 46.10 15.87
CA ALA A 405 1.31 46.21 17.30
C ALA A 405 1.54 47.65 17.78
N GLU A 406 2.46 48.37 17.11
CA GLU A 406 2.74 49.81 17.22
C GLU A 406 3.62 50.00 18.43
N ILE A 407 4.86 50.43 18.20
CA ILE A 407 5.76 50.74 19.30
C ILE A 407 5.29 51.99 20.04
N VAL A 408 5.34 51.95 21.38
CA VAL A 408 5.00 53.06 22.26
C VAL A 408 6.18 54.02 22.45
N GLN A 409 7.44 53.53 22.51
CA GLN A 409 8.63 54.40 22.52
C GLN A 409 9.05 54.95 21.13
N LEU B 1 -16.46 -47.49 -12.73
CA LEU B 1 -16.81 -46.50 -13.77
C LEU B 1 -16.70 -45.09 -13.19
N THR B 2 -17.03 -44.83 -11.89
CA THR B 2 -17.05 -43.46 -11.38
C THR B 2 -16.74 -43.41 -9.88
N VAL B 3 -16.44 -42.19 -9.43
CA VAL B 3 -16.17 -41.93 -8.04
C VAL B 3 -17.49 -41.61 -7.34
N ASN B 4 -17.48 -41.74 -6.02
CA ASN B 4 -18.56 -41.24 -5.18
C ASN B 4 -18.40 -39.73 -5.02
N GLY B 5 -19.08 -38.93 -5.86
CA GLY B 5 -19.06 -37.47 -5.76
C GLY B 5 -19.59 -36.91 -4.44
N ASP B 6 -20.55 -37.59 -3.81
CA ASP B 6 -21.10 -37.24 -2.50
C ASP B 6 -20.03 -37.37 -1.41
N ARG B 7 -19.26 -38.45 -1.47
CA ARG B 7 -18.18 -38.66 -0.51
C ARG B 7 -17.05 -37.66 -0.81
N LEU B 8 -16.79 -37.36 -2.09
CA LEU B 8 -15.80 -36.35 -2.40
C LEU B 8 -16.23 -35.03 -1.78
N TRP B 9 -17.48 -34.64 -2.05
CA TRP B 9 -17.99 -33.35 -1.62
C TRP B 9 -17.95 -33.21 -0.11
N ASP B 10 -18.40 -34.24 0.62
CA ASP B 10 -18.38 -34.25 2.06
C ASP B 10 -16.98 -34.04 2.61
N SER B 11 -15.97 -34.69 2.01
CA SER B 11 -14.60 -34.53 2.45
C SER B 11 -14.16 -33.08 2.29
N LEU B 12 -14.46 -32.46 1.13
CA LEU B 12 -14.22 -31.04 0.92
C LEU B 12 -14.85 -30.19 2.05
N MET B 13 -16.07 -30.50 2.47
CA MET B 13 -16.75 -29.68 3.47
C MET B 13 -16.14 -29.94 4.85
N ASP B 14 -15.71 -31.16 5.13
CA ASP B 14 -15.01 -31.43 6.39
C ASP B 14 -13.69 -30.67 6.43
N MET B 15 -12.93 -30.68 5.34
CA MET B 15 -11.64 -30.02 5.35
C MET B 15 -11.81 -28.50 5.46
N ALA B 16 -12.88 -27.98 4.80
CA ALA B 16 -13.13 -26.55 4.85
C ALA B 16 -13.44 -26.06 6.27
N LYS B 17 -13.91 -26.96 7.15
CA LYS B 17 -14.11 -26.64 8.56
C LYS B 17 -12.83 -26.35 9.33
N ILE B 18 -11.65 -26.68 8.79
CA ILE B 18 -10.41 -26.47 9.53
C ILE B 18 -9.80 -25.17 9.02
N GLY B 19 -9.35 -24.36 10.00
CA GLY B 19 -8.86 -23.02 9.77
C GLY B 19 -9.78 -22.20 8.88
N PRO B 20 -11.07 -22.03 9.27
CA PRO B 20 -12.02 -21.33 8.41
C PRO B 20 -11.61 -19.86 8.32
N GLY B 21 -11.85 -19.27 7.16
CA GLY B 21 -11.58 -17.87 6.92
C GLY B 21 -12.69 -16.99 7.52
N ILE B 22 -12.78 -15.77 7.01
CA ILE B 22 -13.72 -14.75 7.47
C ILE B 22 -15.12 -14.96 6.85
N ALA B 23 -15.26 -15.73 5.74
CA ALA B 23 -16.37 -15.54 4.80
C ALA B 23 -16.57 -16.74 3.87
N GLY B 24 -16.69 -17.93 4.46
CA GLY B 24 -16.99 -19.12 3.67
C GLY B 24 -15.75 -19.85 3.16
N GLY B 25 -14.55 -19.24 3.26
CA GLY B 25 -13.32 -19.84 2.74
C GLY B 25 -12.44 -20.32 3.89
N ASN B 26 -11.12 -20.29 3.68
CA ASN B 26 -10.17 -20.83 4.65
C ASN B 26 -8.95 -19.95 4.79
N ASN B 27 -8.44 -19.86 6.01
CA ASN B 27 -7.12 -19.32 6.32
C ASN B 27 -6.36 -20.42 7.05
N ARG B 28 -5.78 -21.30 6.25
CA ARG B 28 -5.03 -22.46 6.75
C ARG B 28 -3.70 -22.41 6.03
N ARG B 29 -2.93 -21.38 6.38
CA ARG B 29 -1.63 -21.14 5.80
C ARG B 29 -0.65 -22.20 6.28
N THR B 30 0.36 -22.43 5.43
CA THR B 30 1.37 -23.44 5.67
C THR B 30 2.02 -23.30 7.05
N LEU B 31 2.14 -24.42 7.75
CA LEU B 31 2.83 -24.54 9.03
C LEU B 31 2.20 -23.70 10.13
N THR B 32 0.95 -23.26 9.97
CA THR B 32 0.15 -22.81 11.09
C THR B 32 -0.31 -24.05 11.83
N ASP B 33 -0.87 -23.85 13.03
CA ASP B 33 -1.43 -24.96 13.81
C ASP B 33 -2.67 -25.52 13.10
N GLU B 34 -3.43 -24.65 12.42
CA GLU B 34 -4.59 -25.13 11.68
C GLU B 34 -4.16 -25.92 10.43
N ASP B 35 -3.01 -25.59 9.80
CA ASP B 35 -2.40 -26.49 8.82
C ASP B 35 -2.14 -27.86 9.43
N ALA B 36 -1.54 -27.90 10.65
CA ALA B 36 -1.28 -29.18 11.35
C ALA B 36 -2.56 -29.98 11.55
N GLU B 37 -3.65 -29.28 11.86
CA GLU B 37 -4.95 -29.92 12.03
C GLU B 37 -5.44 -30.53 10.71
N GLY B 38 -5.29 -29.80 9.60
CA GLY B 38 -5.69 -30.31 8.28
C GLY B 38 -4.86 -31.53 7.86
N ARG B 39 -3.55 -31.46 8.16
CA ARG B 39 -2.64 -32.57 7.91
C ARG B 39 -3.12 -33.82 8.65
N ARG B 40 -3.44 -33.65 9.94
CA ARG B 40 -3.83 -34.75 10.81
C ARG B 40 -5.11 -35.41 10.31
N LEU B 41 -6.13 -34.60 9.99
CA LEU B 41 -7.39 -35.15 9.47
C LEU B 41 -7.15 -35.97 8.18
N PHE B 42 -6.34 -35.43 7.25
CA PHE B 42 -6.03 -36.11 5.98
C PHE B 42 -5.34 -37.43 6.28
N GLN B 43 -4.40 -37.41 7.24
CA GLN B 43 -3.72 -38.64 7.63
C GLN B 43 -4.70 -39.65 8.20
N ARG B 44 -5.61 -39.21 9.09
CA ARG B 44 -6.63 -40.11 9.62
C ARG B 44 -7.41 -40.81 8.51
N TRP B 45 -7.86 -40.01 7.53
CA TRP B 45 -8.62 -40.51 6.39
C TRP B 45 -7.81 -41.52 5.57
N CYS B 46 -6.54 -41.15 5.32
CA CYS B 46 -5.57 -41.95 4.58
C CYS B 46 -5.37 -43.32 5.23
N GLU B 47 -5.16 -43.29 6.57
CA GLU B 47 -4.98 -44.54 7.30
C GLU B 47 -6.25 -45.38 7.24
N ALA B 48 -7.43 -44.77 7.38
CA ALA B 48 -8.67 -45.54 7.31
C ALA B 48 -8.88 -46.17 5.92
N ALA B 49 -8.27 -45.58 4.86
CA ALA B 49 -8.32 -46.09 3.49
C ALA B 49 -7.24 -47.14 3.22
N GLY B 50 -6.47 -47.61 4.25
CA GLY B 50 -5.41 -48.59 4.09
C GLY B 50 -4.09 -48.03 3.52
N LEU B 51 -3.89 -46.70 3.54
CA LEU B 51 -2.65 -46.11 3.04
C LEU B 51 -1.63 -46.04 4.18
N THR B 52 -0.35 -46.28 3.86
CA THR B 52 0.72 -45.98 4.80
C THR B 52 1.23 -44.60 4.43
N MET B 53 1.56 -43.83 5.48
CA MET B 53 2.01 -42.46 5.38
C MET B 53 3.52 -42.45 5.50
N GLY B 54 4.17 -41.77 4.53
CA GLY B 54 5.52 -41.27 4.65
C GLY B 54 5.57 -39.74 4.60
N VAL B 55 6.56 -39.14 5.30
CA VAL B 55 6.69 -37.67 5.34
C VAL B 55 8.14 -37.29 5.06
N ASP B 56 8.38 -36.32 4.16
CA ASP B 56 9.75 -35.88 3.92
C ASP B 56 10.15 -34.76 4.89
N ARG B 57 11.43 -34.35 4.75
CA ARG B 57 12.02 -33.34 5.61
C ARG B 57 11.41 -31.93 5.38
N MET B 58 10.56 -31.74 4.33
CA MET B 58 9.79 -30.54 4.12
C MET B 58 8.36 -30.65 4.66
N GLY B 59 7.99 -31.83 5.15
CA GLY B 59 6.63 -32.12 5.61
C GLY B 59 5.64 -32.48 4.50
N THR B 60 6.11 -32.68 3.25
CA THR B 60 5.24 -33.25 2.23
C THR B 60 4.81 -34.63 2.71
N MET B 61 3.51 -34.91 2.57
CA MET B 61 2.89 -36.16 3.01
C MET B 61 2.57 -37.01 1.78
N PHE B 62 2.97 -38.28 1.85
CA PHE B 62 2.87 -39.25 0.80
C PHE B 62 2.17 -40.48 1.36
N ALA B 63 0.93 -40.68 0.88
CA ALA B 63 0.09 -41.77 1.36
C ALA B 63 0.00 -42.82 0.26
N THR B 64 0.60 -44.00 0.54
CA THR B 64 0.78 -45.04 -0.47
C THR B 64 -0.30 -46.09 -0.36
N ARG B 65 -0.88 -46.45 -1.51
CA ARG B 65 -1.76 -47.58 -1.70
C ARG B 65 -0.91 -48.64 -2.39
N PRO B 66 -0.76 -49.86 -1.80
CA PRO B 66 0.09 -50.89 -2.41
C PRO B 66 -0.23 -51.19 -3.86
N GLY B 67 0.82 -51.44 -4.67
CA GLY B 67 0.68 -52.05 -5.98
C GLY B 67 0.94 -53.56 -5.91
N GLU B 68 0.47 -54.30 -6.91
CA GLU B 68 0.77 -55.71 -6.98
C GLU B 68 2.18 -56.01 -7.51
N ASP B 69 2.88 -55.01 -8.10
CA ASP B 69 4.22 -55.27 -8.63
C ASP B 69 5.16 -54.62 -7.63
N PRO B 70 5.99 -55.39 -6.89
CA PRO B 70 6.79 -54.79 -5.82
C PRO B 70 7.97 -53.95 -6.35
N GLU B 71 8.31 -54.04 -7.64
CA GLU B 71 9.34 -53.19 -8.23
C GLU B 71 8.79 -51.99 -8.99
N ALA B 72 7.46 -51.89 -9.16
CA ALA B 72 6.86 -50.82 -9.94
C ALA B 72 6.92 -49.51 -9.14
N LEU B 73 7.35 -48.42 -9.78
CA LEU B 73 7.29 -47.08 -9.18
C LEU B 73 5.83 -46.61 -9.08
N PRO B 74 5.51 -45.70 -8.13
CA PRO B 74 4.13 -45.26 -7.91
C PRO B 74 3.66 -44.25 -8.93
N VAL B 75 2.35 -44.26 -9.13
CA VAL B 75 1.64 -43.19 -9.80
C VAL B 75 1.25 -42.24 -8.65
N TYR B 76 1.76 -40.99 -8.73
CA TYR B 76 1.52 -39.96 -7.73
C TYR B 76 0.31 -39.15 -8.09
N ILE B 77 -0.51 -38.88 -7.09
CA ILE B 77 -1.64 -37.94 -7.22
C ILE B 77 -1.44 -36.84 -6.21
N GLY B 78 -1.06 -35.65 -6.69
CA GLY B 78 -0.65 -34.59 -5.76
C GLY B 78 -1.50 -33.33 -5.82
N SER B 79 -1.57 -32.66 -4.67
CA SER B 79 -1.76 -31.20 -4.59
C SER B 79 -1.33 -30.69 -3.21
N HIS B 80 -2.02 -29.68 -2.64
CA HIS B 80 -1.68 -29.08 -1.35
C HIS B 80 -2.91 -28.77 -0.52
N LEU B 81 -2.81 -28.89 0.82
CA LEU B 81 -3.88 -28.52 1.73
C LEU B 81 -3.71 -27.12 2.32
N ASP B 82 -2.55 -26.47 2.13
CA ASP B 82 -2.32 -25.13 2.63
C ASP B 82 -3.05 -24.15 1.70
N THR B 83 -3.47 -23.02 2.30
CA THR B 83 -4.31 -22.06 1.60
C THR B 83 -3.70 -20.68 1.65
N GLN B 84 -4.23 -19.79 0.80
CA GLN B 84 -4.04 -18.36 0.96
C GLN B 84 -4.67 -17.87 2.28
N PRO B 85 -4.23 -16.74 2.90
CA PRO B 85 -4.92 -16.17 4.05
C PRO B 85 -6.42 -16.01 3.78
N THR B 86 -6.79 -15.43 2.62
CA THR B 86 -8.14 -15.48 2.08
C THR B 86 -8.22 -16.60 1.03
N GLY B 87 -8.03 -17.83 1.51
CA GLY B 87 -8.12 -19.01 0.69
C GLY B 87 -9.56 -19.43 0.41
N GLY B 88 -9.75 -19.99 -0.79
CA GLY B 88 -10.92 -20.78 -1.13
C GLY B 88 -10.85 -22.18 -0.52
N LYS B 89 -12.02 -22.82 -0.48
CA LYS B 89 -12.19 -24.18 -0.01
C LYS B 89 -11.61 -25.25 -0.97
N PHE B 90 -11.27 -24.92 -2.23
CA PHE B 90 -11.09 -25.86 -3.32
C PHE B 90 -9.64 -25.89 -3.86
N ASP B 91 -8.99 -24.74 -3.82
CA ASP B 91 -7.65 -24.56 -4.34
C ASP B 91 -6.76 -25.51 -3.57
N GLY B 92 -6.08 -26.42 -4.29
CA GLY B 92 -5.21 -27.40 -3.66
C GLY B 92 -5.97 -28.56 -3.04
N VAL B 93 -6.93 -28.23 -2.15
CA VAL B 93 -7.69 -29.23 -1.39
C VAL B 93 -8.35 -30.25 -2.34
N LEU B 94 -8.90 -29.77 -3.45
CA LEU B 94 -9.63 -30.62 -4.37
C LEU B 94 -8.73 -31.74 -4.88
N GLY B 95 -7.47 -31.39 -5.32
CA GLY B 95 -6.51 -32.34 -5.79
C GLY B 95 -6.17 -33.43 -4.77
N VAL B 96 -5.91 -33.02 -3.53
CA VAL B 96 -5.47 -33.96 -2.50
C VAL B 96 -6.63 -34.91 -2.20
N LEU B 97 -7.79 -34.30 -2.00
CA LEU B 97 -8.94 -35.07 -1.60
C LEU B 97 -9.54 -35.85 -2.75
N ALA B 98 -9.32 -35.43 -3.98
CA ALA B 98 -9.64 -36.26 -5.12
C ALA B 98 -8.76 -37.50 -5.15
N GLY B 99 -7.47 -37.33 -4.82
CA GLY B 99 -6.61 -38.48 -4.71
C GLY B 99 -7.21 -39.45 -3.69
N LEU B 100 -7.73 -38.91 -2.58
CA LEU B 100 -8.27 -39.77 -1.50
C LEU B 100 -9.53 -40.45 -2.02
N GLU B 101 -10.33 -39.72 -2.83
CA GLU B 101 -11.53 -40.31 -3.37
C GLU B 101 -11.21 -41.42 -4.38
N VAL B 102 -10.20 -41.23 -5.21
CA VAL B 102 -9.74 -42.27 -6.10
C VAL B 102 -9.43 -43.56 -5.30
N VAL B 103 -8.64 -43.42 -4.23
CA VAL B 103 -8.27 -44.58 -3.40
C VAL B 103 -9.53 -45.30 -2.91
N ARG B 104 -10.43 -44.50 -2.32
CA ARG B 104 -11.67 -45.02 -1.75
C ARG B 104 -12.53 -45.71 -2.81
N SER B 105 -12.55 -45.15 -4.04
CA SER B 105 -13.29 -45.79 -5.12
C SER B 105 -12.62 -47.10 -5.56
N LEU B 106 -11.28 -47.11 -5.65
CA LEU B 106 -10.57 -48.37 -5.88
C LEU B 106 -10.82 -49.37 -4.72
N ASN B 107 -10.79 -48.93 -3.46
CA ASN B 107 -11.09 -49.83 -2.33
C ASN B 107 -12.53 -50.35 -2.34
N ASP B 108 -13.53 -49.49 -2.58
CA ASP B 108 -14.91 -49.92 -2.79
C ASP B 108 -15.08 -51.07 -3.80
N LEU B 109 -14.28 -51.07 -4.87
CA LEU B 109 -14.38 -52.09 -5.90
C LEU B 109 -13.32 -53.17 -5.75
N ASN B 110 -12.56 -53.20 -4.63
CA ASN B 110 -11.40 -54.05 -4.38
C ASN B 110 -10.45 -54.10 -5.58
N ILE B 111 -10.18 -52.96 -6.24
CA ILE B 111 -9.33 -52.97 -7.43
C ILE B 111 -7.86 -53.03 -7.01
N LYS B 112 -7.10 -53.91 -7.67
CA LYS B 112 -5.67 -53.99 -7.55
C LYS B 112 -5.02 -53.32 -8.75
N THR B 113 -3.85 -52.69 -8.51
CA THR B 113 -3.11 -52.08 -9.59
C THR B 113 -1.69 -52.61 -9.59
N LYS B 114 -1.05 -52.50 -10.74
CA LYS B 114 0.31 -52.98 -10.84
C LYS B 114 1.20 -52.01 -10.09
N HIS B 115 1.10 -50.74 -10.47
CA HIS B 115 1.76 -49.63 -9.81
C HIS B 115 1.02 -49.29 -8.52
N PRO B 116 1.77 -49.01 -7.42
CA PRO B 116 1.18 -48.35 -6.25
C PRO B 116 0.75 -46.94 -6.62
N ILE B 117 -0.20 -46.43 -5.85
CA ILE B 117 -0.70 -45.10 -6.01
C ILE B 117 -0.34 -44.36 -4.72
N VAL B 118 0.20 -43.14 -4.88
CA VAL B 118 0.58 -42.30 -3.77
C VAL B 118 -0.18 -40.97 -3.84
N VAL B 119 -0.98 -40.72 -2.81
CA VAL B 119 -1.66 -39.44 -2.60
C VAL B 119 -0.69 -38.51 -1.88
N THR B 120 -0.47 -37.34 -2.48
CA THR B 120 0.56 -36.39 -2.07
C THR B 120 -0.03 -35.02 -1.68
N ASN B 121 0.29 -34.61 -0.44
CA ASN B 121 0.06 -33.25 0.06
C ASN B 121 1.43 -32.56 0.16
N TRP B 122 1.73 -31.71 -0.84
CA TRP B 122 2.94 -30.92 -0.86
C TRP B 122 2.85 -29.84 0.23
N SER B 123 3.93 -29.58 0.98
CA SER B 123 3.96 -28.43 1.88
C SER B 123 4.06 -27.11 1.12
N ASN B 124 3.49 -26.06 1.73
CA ASN B 124 3.62 -24.66 1.32
C ASN B 124 3.65 -24.56 -0.20
N GLU B 125 2.54 -24.99 -0.81
CA GLU B 125 2.40 -24.66 -2.21
C GLU B 125 2.14 -23.17 -2.37
N GLU B 126 1.34 -22.54 -1.48
CA GLU B 126 0.77 -21.23 -1.80
C GLU B 126 1.82 -20.12 -1.87
N GLY B 127 2.82 -20.15 -0.98
CA GLY B 127 3.86 -19.12 -1.00
C GLY B 127 3.34 -17.77 -0.49
N ALA B 128 2.29 -17.86 0.35
CA ALA B 128 1.71 -16.70 1.00
C ALA B 128 2.59 -16.36 2.20
N ARG B 129 2.88 -17.36 3.03
CA ARG B 129 3.53 -17.13 4.30
C ARG B 129 5.05 -17.07 4.15
N PHE B 130 5.60 -18.10 3.49
CA PHE B 130 7.00 -18.23 3.18
C PHE B 130 7.08 -18.38 1.67
N ALA B 131 7.82 -17.45 1.04
CA ALA B 131 7.93 -17.35 -0.40
C ALA B 131 9.27 -17.97 -0.81
N PRO B 132 9.44 -18.55 -2.04
CA PRO B 132 8.37 -18.72 -3.00
C PRO B 132 7.31 -19.80 -2.71
N ALA B 133 6.25 -19.71 -3.51
CA ALA B 133 5.26 -20.75 -3.68
C ALA B 133 5.96 -22.01 -4.18
N MET B 134 5.29 -23.18 -4.04
CA MET B 134 5.76 -24.46 -4.55
C MET B 134 7.13 -24.79 -3.95
N LEU B 135 7.26 -24.51 -2.64
CA LEU B 135 8.52 -24.57 -1.94
C LEU B 135 8.97 -26.02 -1.78
N ALA B 136 8.08 -26.89 -1.26
CA ALA B 136 8.37 -28.29 -1.04
C ALA B 136 8.58 -29.08 -2.34
N SER B 137 7.70 -28.95 -3.33
CA SER B 137 7.91 -29.55 -4.63
C SER B 137 9.17 -29.01 -5.28
N GLY B 138 9.52 -27.72 -5.05
CA GLY B 138 10.77 -27.11 -5.50
C GLY B 138 12.03 -27.83 -5.04
N VAL B 139 12.06 -28.19 -3.76
CA VAL B 139 13.15 -28.93 -3.18
C VAL B 139 13.13 -30.35 -3.77
N PHE B 140 11.93 -30.94 -3.88
CA PHE B 140 11.80 -32.27 -4.44
C PHE B 140 12.41 -32.33 -5.84
N ALA B 141 12.14 -31.33 -6.68
CA ALA B 141 12.63 -31.33 -8.06
C ALA B 141 14.03 -30.74 -8.21
N GLY B 142 14.70 -30.41 -7.09
CA GLY B 142 16.04 -29.86 -7.08
C GLY B 142 16.10 -28.38 -7.44
N ILE B 143 14.98 -27.66 -7.44
CA ILE B 143 15.00 -26.23 -7.77
C ILE B 143 15.74 -25.45 -6.66
N HIS B 144 15.62 -25.89 -5.41
CA HIS B 144 16.33 -25.21 -4.35
C HIS B 144 16.56 -26.18 -3.22
N ASP B 145 17.61 -25.87 -2.44
CA ASP B 145 18.10 -26.81 -1.47
C ASP B 145 17.28 -26.61 -0.20
N LEU B 146 17.44 -27.57 0.71
CA LEU B 146 16.71 -27.63 1.94
C LEU B 146 17.02 -26.43 2.82
N ASP B 147 18.34 -26.10 2.89
CA ASP B 147 18.90 -24.89 3.46
C ASP B 147 18.09 -23.65 3.07
N TYR B 148 17.97 -23.38 1.77
CA TYR B 148 17.27 -22.22 1.26
C TYR B 148 15.82 -22.23 1.76
N ALA B 149 15.19 -23.41 1.66
CA ALA B 149 13.79 -23.60 1.97
C ALA B 149 13.55 -23.39 3.47
N TYR B 150 14.43 -23.97 4.29
CA TYR B 150 14.36 -23.84 5.75
C TYR B 150 14.52 -22.39 6.20
N SER B 151 15.31 -21.60 5.46
CA SER B 151 15.67 -20.25 5.85
C SER B 151 14.63 -19.25 5.40
N ARG B 152 13.60 -19.68 4.65
CA ARG B 152 12.50 -18.79 4.34
C ARG B 152 11.86 -18.43 5.67
N THR B 153 11.57 -17.16 5.88
CA THR B 153 10.96 -16.70 7.11
C THR B 153 9.70 -15.92 6.74
N ASP B 154 8.71 -15.90 7.64
CA ASP B 154 7.44 -15.20 7.44
C ASP B 154 7.60 -13.73 7.81
N THR B 155 6.52 -12.97 7.64
CA THR B 155 6.47 -11.57 8.05
C THR B 155 6.67 -11.38 9.58
N ASP B 156 6.35 -12.38 10.43
CA ASP B 156 6.69 -12.32 11.85
C ASP B 156 8.16 -12.65 12.15
N GLY B 157 8.95 -13.04 11.14
CA GLY B 157 10.35 -13.40 11.35
C GLY B 157 10.56 -14.81 11.91
N LYS B 158 9.52 -15.66 11.90
CA LYS B 158 9.66 -17.10 12.18
C LYS B 158 10.15 -17.77 10.88
N THR B 159 11.07 -18.74 10.98
CA THR B 159 11.62 -19.43 9.81
C THR B 159 10.75 -20.65 9.44
N TYR B 160 10.78 -21.09 8.16
CA TYR B 160 10.02 -22.24 7.70
C TYR B 160 10.37 -23.48 8.50
N GLY B 161 11.69 -23.69 8.71
CA GLY B 161 12.21 -24.88 9.36
C GLY B 161 11.85 -24.99 10.83
N GLU B 162 11.86 -23.86 11.57
CA GLU B 162 11.41 -23.81 12.97
C GLU B 162 9.94 -24.22 13.04
N GLU B 163 9.15 -23.57 12.18
CA GLU B 163 7.71 -23.73 12.13
C GLU B 163 7.33 -25.17 11.79
N LEU B 164 8.07 -25.78 10.84
CA LEU B 164 7.82 -27.16 10.45
C LEU B 164 8.03 -28.10 11.64
N LYS B 165 9.10 -27.83 12.39
CA LYS B 165 9.39 -28.57 13.60
C LYS B 165 8.39 -28.30 14.71
N ARG B 166 7.94 -27.05 14.83
CA ARG B 166 7.02 -26.64 15.88
C ARG B 166 5.78 -27.55 15.87
N ILE B 167 5.19 -27.73 14.69
CA ILE B 167 4.01 -28.55 14.45
C ILE B 167 4.34 -30.05 14.30
N GLY B 168 5.61 -30.46 14.25
CA GLY B 168 6.01 -31.87 14.30
C GLY B 168 5.72 -32.65 13.01
N TRP B 169 5.87 -31.96 11.87
CA TRP B 169 5.73 -32.51 10.53
C TRP B 169 7.07 -32.42 9.78
N LEU B 170 8.19 -32.31 10.53
CA LEU B 170 9.52 -32.48 9.97
C LEU B 170 9.71 -33.99 9.82
N GLY B 171 9.55 -34.47 8.60
CA GLY B 171 9.52 -35.90 8.36
C GLY B 171 10.92 -36.46 8.19
N GLU B 172 10.97 -37.80 8.21
CA GLU B 172 12.22 -38.54 8.12
C GLU B 172 12.78 -38.52 6.70
N GLU B 173 11.92 -38.56 5.65
CA GLU B 173 12.35 -38.98 4.33
C GLU B 173 13.20 -37.89 3.69
N GLU B 174 14.15 -38.31 2.85
CA GLU B 174 14.99 -37.41 2.07
C GLU B 174 14.12 -36.82 0.98
N VAL B 175 14.13 -35.49 0.83
CA VAL B 175 13.24 -34.83 -0.10
C VAL B 175 13.75 -35.08 -1.52
N GLY B 176 12.86 -35.50 -2.42
CA GLY B 176 13.22 -35.78 -3.81
C GLY B 176 13.67 -37.21 -4.04
N ALA B 177 13.64 -38.03 -3.00
CA ALA B 177 14.20 -39.38 -3.00
C ALA B 177 13.28 -40.38 -3.71
N ARG B 178 11.97 -40.14 -3.67
CA ARG B 178 10.97 -40.91 -4.41
C ARG B 178 11.05 -40.66 -5.92
N ARG B 179 11.06 -41.77 -6.70
CA ARG B 179 10.93 -41.71 -8.15
C ARG B 179 9.51 -42.07 -8.53
N MET B 180 8.95 -41.32 -9.48
CA MET B 180 7.53 -41.39 -9.82
C MET B 180 7.45 -42.05 -11.19
N HIS B 181 6.52 -42.98 -11.36
CA HIS B 181 6.13 -43.47 -12.67
C HIS B 181 5.44 -42.35 -13.45
N ALA B 182 4.60 -41.60 -12.75
CA ALA B 182 3.70 -40.62 -13.30
C ALA B 182 3.21 -39.74 -12.16
N TYR B 183 2.82 -38.53 -12.52
CA TYR B 183 2.24 -37.62 -11.56
C TYR B 183 1.03 -36.98 -12.19
N PHE B 184 -0.07 -37.02 -11.44
CA PHE B 184 -1.30 -36.30 -11.79
C PHE B 184 -1.57 -35.28 -10.70
N GLU B 185 -2.01 -34.09 -11.11
CA GLU B 185 -2.59 -33.13 -10.18
C GLU B 185 -3.89 -32.60 -10.77
N TYR B 186 -4.99 -32.83 -10.03
CA TYR B 186 -6.31 -32.26 -10.31
C TYR B 186 -6.49 -30.93 -9.56
N HIS B 187 -6.78 -29.83 -10.27
CA HIS B 187 -6.83 -28.51 -9.62
C HIS B 187 -7.93 -27.65 -10.24
N ILE B 188 -8.45 -26.68 -9.48
CA ILE B 188 -9.39 -25.76 -10.11
C ILE B 188 -8.66 -24.95 -11.16
N GLU B 189 -9.36 -24.45 -12.18
CA GLU B 189 -8.69 -23.65 -13.18
C GLU B 189 -8.06 -22.40 -12.58
N GLN B 190 -8.75 -21.73 -11.63
CA GLN B 190 -8.37 -20.42 -11.06
C GLN B 190 -8.48 -19.33 -12.14
N GLY B 191 -9.26 -19.60 -13.17
CA GLY B 191 -9.49 -18.70 -14.26
C GLY B 191 -10.87 -19.00 -14.79
N PRO B 192 -11.39 -18.12 -15.69
CA PRO B 192 -12.78 -18.24 -16.15
C PRO B 192 -13.04 -18.96 -17.47
N ILE B 193 -12.02 -19.62 -18.02
CA ILE B 193 -12.10 -20.16 -19.38
C ILE B 193 -13.08 -21.32 -19.45
N LEU B 194 -12.89 -22.33 -18.60
CA LEU B 194 -13.69 -23.56 -18.72
C LEU B 194 -15.15 -23.24 -18.52
N GLU B 195 -15.41 -22.42 -17.49
CA GLU B 195 -16.75 -21.93 -17.19
C GLU B 195 -17.33 -21.21 -18.42
N ALA B 196 -16.59 -20.25 -18.97
CA ALA B 196 -17.07 -19.46 -20.12
C ALA B 196 -17.33 -20.34 -21.35
N ASP B 197 -16.49 -21.36 -21.56
CA ASP B 197 -16.63 -22.23 -22.72
C ASP B 197 -17.51 -23.44 -22.42
N GLY B 198 -18.10 -23.54 -21.20
CA GLY B 198 -19.08 -24.57 -20.89
C GLY B 198 -18.44 -25.97 -20.83
N LYS B 199 -17.14 -26.02 -20.50
CA LYS B 199 -16.46 -27.31 -20.44
C LYS B 199 -16.32 -27.74 -18.98
N GLN B 200 -16.55 -29.03 -18.76
CA GLN B 200 -16.42 -29.61 -17.44
C GLN B 200 -14.96 -29.88 -17.12
N ILE B 201 -14.15 -30.24 -18.12
CA ILE B 201 -12.81 -30.79 -17.94
C ILE B 201 -11.83 -29.97 -18.75
N GLY B 202 -10.86 -29.40 -18.03
CA GLY B 202 -9.68 -28.84 -18.64
C GLY B 202 -8.57 -29.87 -18.77
N VAL B 203 -8.24 -30.20 -20.01
CA VAL B 203 -7.10 -31.05 -20.30
C VAL B 203 -5.88 -30.13 -20.35
N VAL B 204 -5.10 -30.11 -19.26
CA VAL B 204 -3.94 -29.23 -19.17
C VAL B 204 -2.79 -29.80 -20.00
N THR B 205 -2.31 -29.01 -20.97
CA THR B 205 -1.29 -29.42 -21.92
C THR B 205 0.07 -28.82 -21.54
N HIS B 206 0.06 -27.58 -21.04
CA HIS B 206 1.24 -26.83 -20.69
C HIS B 206 0.94 -25.99 -19.46
N GLY B 207 1.99 -25.58 -18.78
CA GLY B 207 1.94 -24.58 -17.74
C GLY B 207 2.72 -23.37 -18.21
N GLN B 208 2.14 -22.19 -18.05
CA GLN B 208 2.79 -21.03 -18.63
C GLN B 208 4.01 -20.71 -17.77
N GLY B 209 5.09 -20.30 -18.46
CA GLY B 209 6.27 -19.79 -17.80
C GLY B 209 6.02 -18.37 -17.27
N LEU B 210 6.87 -17.89 -16.38
CA LEU B 210 6.69 -16.56 -15.85
C LEU B 210 8.01 -15.92 -15.56
N TRP B 211 7.95 -14.57 -15.47
CA TRP B 211 8.89 -13.74 -14.73
C TRP B 211 8.11 -12.85 -13.79
N TRP B 212 8.67 -12.66 -12.61
CA TRP B 212 8.24 -11.65 -11.66
C TRP B 212 9.35 -10.62 -11.54
N LEU B 213 9.10 -9.42 -12.08
CA LEU B 213 10.14 -8.37 -12.10
C LEU B 213 9.75 -7.36 -11.06
N GLU B 214 10.43 -7.35 -9.93
CA GLU B 214 10.11 -6.38 -8.89
C GLU B 214 10.90 -5.10 -9.19
N VAL B 215 10.15 -4.06 -9.48
CA VAL B 215 10.65 -2.73 -9.83
C VAL B 215 10.64 -1.85 -8.59
N THR B 216 11.78 -1.29 -8.24
CA THR B 216 11.89 -0.28 -7.22
C THR B 216 12.20 1.05 -7.92
N LEU B 217 11.26 1.97 -7.78
CA LEU B 217 11.42 3.34 -8.27
C LEU B 217 11.75 4.26 -7.12
N THR B 218 12.75 5.12 -7.37
CA THR B 218 13.21 6.11 -6.41
C THR B 218 12.77 7.50 -6.89
N GLY B 219 11.88 8.13 -6.12
CA GLY B 219 11.46 9.48 -6.44
C GLY B 219 12.05 10.49 -5.46
N LYS B 220 11.48 11.69 -5.46
CA LYS B 220 11.72 12.68 -4.45
C LYS B 220 10.41 12.88 -3.69
N GLU B 221 10.53 12.63 -2.39
CA GLU B 221 9.51 12.92 -1.44
C GLU B 221 9.34 14.44 -1.42
N ALA B 222 8.15 14.92 -1.78
CA ALA B 222 7.89 16.34 -2.05
C ALA B 222 6.42 16.57 -1.75
N HIS B 223 6.11 17.61 -0.98
CA HIS B 223 4.74 18.00 -0.65
C HIS B 223 3.98 18.20 -1.98
N THR B 224 2.81 17.58 -2.11
CA THR B 224 1.97 17.71 -3.30
C THR B 224 1.24 19.08 -3.40
N GLY B 225 1.23 19.89 -2.36
CA GLY B 225 0.91 21.31 -2.43
C GLY B 225 2.02 22.24 -2.89
N SER B 226 3.14 22.15 -2.20
CA SER B 226 4.18 23.17 -2.24
C SER B 226 5.20 23.02 -3.35
N THR B 227 5.19 21.84 -3.99
CA THR B 227 6.16 21.52 -5.00
C THR B 227 5.56 21.80 -6.37
N PRO B 228 6.10 22.76 -7.16
CA PRO B 228 5.60 23.01 -8.51
C PRO B 228 5.78 21.78 -9.34
N MET B 229 4.86 21.63 -10.29
CA MET B 229 4.87 20.49 -11.17
C MET B 229 6.26 20.31 -11.79
N ALA B 230 6.92 21.42 -12.19
CA ALA B 230 8.17 21.33 -12.94
C ALA B 230 9.30 20.82 -12.04
N MET B 231 9.14 20.81 -10.71
CA MET B 231 10.20 20.34 -9.83
C MET B 231 9.88 18.97 -9.21
N ARG B 232 8.90 18.25 -9.72
CA ARG B 232 8.52 17.00 -9.10
C ARG B 232 9.39 15.91 -9.71
N VAL B 233 9.77 14.94 -8.87
CA VAL B 233 10.32 13.66 -9.32
C VAL B 233 9.33 12.59 -8.85
N ASN B 234 8.41 12.27 -9.75
CA ASN B 234 7.19 11.55 -9.37
C ASN B 234 7.27 10.06 -9.70
N ALA B 235 7.56 9.27 -8.65
CA ALA B 235 7.76 7.84 -8.78
C ALA B 235 6.42 7.14 -8.91
N GLY B 236 5.36 7.72 -8.37
CA GLY B 236 4.04 7.18 -8.53
C GLY B 236 3.54 7.35 -9.95
N LEU B 237 3.91 8.47 -10.62
CA LEU B 237 3.49 8.63 -12.03
C LEU B 237 4.32 7.70 -12.90
N ALA B 238 5.61 7.58 -12.57
CA ALA B 238 6.43 6.62 -13.28
C ALA B 238 5.84 5.20 -13.21
N ALA B 239 5.44 4.76 -11.98
CA ALA B 239 4.76 3.51 -11.75
C ALA B 239 3.52 3.41 -12.65
N ALA B 240 2.70 4.46 -12.68
CA ALA B 240 1.49 4.50 -13.48
C ALA B 240 1.80 4.25 -14.96
N ARG B 241 2.77 5.00 -15.49
CA ARG B 241 3.13 4.85 -16.89
C ARG B 241 3.69 3.45 -17.16
N ILE B 242 4.41 2.85 -16.20
CA ILE B 242 4.92 1.51 -16.39
C ILE B 242 3.73 0.52 -16.44
N LEU B 243 2.71 0.69 -15.56
CA LEU B 243 1.55 -0.19 -15.61
C LEU B 243 0.87 -0.13 -16.97
N GLU B 244 0.79 1.04 -17.60
CA GLU B 244 0.24 1.19 -18.95
C GLU B 244 1.12 0.48 -19.99
N LYS B 245 2.44 0.67 -19.87
CA LYS B 245 3.35 -0.07 -20.74
C LYS B 245 3.16 -1.60 -20.62
N VAL B 246 2.98 -2.07 -19.37
CA VAL B 246 2.83 -3.47 -19.12
C VAL B 246 1.60 -3.97 -19.85
N GLN B 247 0.48 -3.24 -19.74
CA GLN B 247 -0.72 -3.57 -20.48
C GLN B 247 -0.47 -3.55 -22.00
N GLU B 248 0.16 -2.52 -22.53
CA GLU B 248 0.39 -2.44 -23.97
C GLU B 248 1.31 -3.56 -24.43
N VAL B 249 2.32 -3.92 -23.63
CA VAL B 249 3.19 -5.02 -24.00
C VAL B 249 2.40 -6.34 -24.01
N ALA B 250 1.56 -6.56 -22.98
CA ALA B 250 0.74 -7.76 -22.88
C ALA B 250 -0.13 -7.87 -24.12
N MET B 251 -0.75 -6.74 -24.51
CA MET B 251 -1.69 -6.75 -25.62
C MET B 251 -0.99 -6.95 -26.96
N ALA B 252 0.26 -6.50 -27.10
CA ALA B 252 1.03 -6.78 -28.29
C ALA B 252 1.37 -8.27 -28.45
N HIS B 253 1.32 -9.06 -27.37
CA HIS B 253 1.77 -10.45 -27.35
C HIS B 253 0.60 -11.45 -27.36
N GLN B 254 -0.63 -10.97 -27.53
CA GLN B 254 -1.77 -11.82 -27.73
C GLN B 254 -1.66 -12.55 -29.07
N PRO B 255 -2.23 -13.76 -29.19
CA PRO B 255 -2.84 -14.51 -28.10
C PRO B 255 -1.83 -15.22 -27.19
N GLY B 256 -2.28 -15.61 -26.00
CA GLY B 256 -1.53 -16.51 -25.19
C GLY B 256 -0.39 -15.85 -24.40
N ALA B 257 -0.62 -14.70 -23.75
CA ALA B 257 0.33 -14.08 -22.85
C ALA B 257 -0.42 -13.17 -21.89
N VAL B 258 0.12 -12.98 -20.69
CA VAL B 258 -0.44 -12.03 -19.74
C VAL B 258 0.68 -11.15 -19.20
N ALA B 259 0.34 -9.94 -18.77
CA ALA B 259 1.19 -9.24 -17.82
C ALA B 259 0.36 -8.18 -17.14
N GLY B 260 0.67 -7.94 -15.87
CA GLY B 260 -0.10 -7.09 -15.01
C GLY B 260 0.61 -7.01 -13.65
N VAL B 261 -0.02 -6.22 -12.77
CA VAL B 261 0.54 -5.85 -11.53
C VAL B 261 -0.50 -6.05 -10.47
N GLY B 262 -0.13 -6.79 -9.40
CA GLY B 262 -1.02 -7.04 -8.27
C GLY B 262 -0.64 -6.26 -7.03
N GLN B 263 0.66 -6.07 -6.88
CA GLN B 263 1.26 -5.49 -5.71
C GLN B 263 1.87 -4.11 -6.03
N MET B 264 1.42 -3.04 -5.35
CA MET B 264 1.99 -1.70 -5.51
C MET B 264 2.24 -1.18 -4.12
N ILE B 265 3.42 -0.63 -3.86
CA ILE B 265 3.74 -0.12 -2.54
C ILE B 265 4.41 1.24 -2.65
N PHE B 266 3.70 2.26 -2.20
CA PHE B 266 4.18 3.61 -2.08
C PHE B 266 4.71 3.82 -0.68
N THR B 267 5.85 4.57 -0.57
CA THR B 267 6.38 5.02 0.69
C THR B 267 6.61 6.51 0.55
N PRO B 268 6.17 7.37 1.50
CA PRO B 268 5.46 6.98 2.72
C PRO B 268 3.99 6.66 2.58
N ASN B 269 3.36 6.95 1.42
CA ASN B 269 1.97 6.65 1.17
C ASN B 269 1.03 7.63 1.87
N SER B 270 1.44 8.86 2.00
CA SER B 270 0.64 9.93 2.58
C SER B 270 -0.12 10.62 1.44
N ARG B 271 -1.21 11.30 1.82
CA ARG B 271 -2.02 11.99 0.82
C ARG B 271 -1.32 13.20 0.21
N ASN B 272 -0.43 13.83 0.98
CA ASN B 272 0.15 15.13 0.62
C ASN B 272 1.67 15.04 0.38
N VAL B 273 2.20 13.85 0.16
CA VAL B 273 3.63 13.66 -0.07
C VAL B 273 3.83 12.66 -1.20
N LEU B 274 4.51 13.11 -2.29
CA LEU B 274 4.84 12.25 -3.39
C LEU B 274 5.76 11.14 -2.88
N PRO B 275 5.63 9.87 -3.33
CA PRO B 275 6.44 8.80 -2.73
C PRO B 275 7.94 9.02 -2.97
N GLY B 276 8.74 8.74 -1.94
CA GLY B 276 10.17 8.58 -2.10
C GLY B 276 10.54 7.26 -2.78
N LYS B 277 9.69 6.24 -2.58
CA LYS B 277 9.95 4.91 -3.12
C LYS B 277 8.62 4.31 -3.54
N VAL B 278 8.59 3.69 -4.75
CA VAL B 278 7.49 2.88 -5.20
C VAL B 278 8.06 1.50 -5.55
N VAL B 279 7.47 0.43 -4.98
CA VAL B 279 7.83 -0.93 -5.35
C VAL B 279 6.58 -1.64 -5.85
N PHE B 280 6.74 -2.39 -6.95
CA PHE B 280 5.69 -3.23 -7.51
C PHE B 280 6.31 -4.40 -8.26
N THR B 281 5.51 -5.44 -8.49
CA THR B 281 5.97 -6.62 -9.24
C THR B 281 5.19 -6.68 -10.56
N ILE B 282 5.92 -6.68 -11.67
CA ILE B 282 5.36 -6.97 -12.97
C ILE B 282 5.35 -8.48 -13.12
N ASP B 283 4.13 -9.04 -13.17
CA ASP B 283 3.94 -10.46 -13.27
C ASP B 283 3.65 -10.74 -14.75
N LEU B 284 4.56 -11.40 -15.47
CA LEU B 284 4.35 -11.63 -16.90
C LEU B 284 4.52 -13.11 -17.19
N ARG B 285 3.60 -13.64 -18.00
CA ARG B 285 3.46 -15.08 -18.19
C ARG B 285 2.96 -15.39 -19.60
N THR B 286 3.33 -16.61 -20.06
CA THR B 286 2.98 -17.11 -21.37
C THR B 286 3.51 -18.54 -21.47
N PRO B 287 2.80 -19.45 -22.16
CA PRO B 287 3.40 -20.74 -22.47
C PRO B 287 4.39 -20.70 -23.63
N SER B 288 4.50 -19.55 -24.34
CA SER B 288 5.44 -19.35 -25.42
C SER B 288 6.80 -18.88 -24.92
N GLN B 289 7.87 -19.71 -25.07
CA GLN B 289 9.17 -19.25 -24.63
C GLN B 289 9.49 -17.93 -25.36
N ALA B 290 9.28 -17.85 -26.70
CA ALA B 290 9.65 -16.65 -27.42
C ALA B 290 8.98 -15.41 -26.84
N LYS B 291 7.66 -15.53 -26.49
CA LYS B 291 6.93 -14.37 -26.07
C LYS B 291 7.38 -14.00 -24.66
N LEU B 292 7.74 -15.00 -23.84
CA LEU B 292 8.17 -14.70 -22.47
C LEU B 292 9.52 -13.92 -22.50
N ASP B 293 10.47 -14.35 -23.30
CA ASP B 293 11.76 -13.69 -23.45
C ASP B 293 11.57 -12.28 -24.03
N SER B 294 10.69 -12.19 -25.04
CA SER B 294 10.33 -10.91 -25.64
C SER B 294 9.79 -9.92 -24.62
N MET B 295 8.77 -10.32 -23.87
CA MET B 295 8.15 -9.44 -22.87
C MET B 295 9.19 -9.00 -21.83
N ARG B 296 10.02 -9.98 -21.44
CA ARG B 296 11.02 -9.73 -20.43
C ARG B 296 12.02 -8.70 -20.93
N ALA B 297 12.60 -8.95 -22.14
CA ALA B 297 13.52 -8.01 -22.78
C ALA B 297 12.89 -6.62 -22.89
N ILE B 298 11.64 -6.53 -23.32
CA ILE B 298 11.00 -5.23 -23.53
C ILE B 298 10.88 -4.52 -22.19
N PHE B 299 10.47 -5.21 -21.13
CA PHE B 299 10.42 -4.55 -19.84
C PHE B 299 11.76 -4.06 -19.32
N GLU B 300 12.82 -4.82 -19.49
CA GLU B 300 14.15 -4.49 -19.01
C GLU B 300 14.65 -3.21 -19.69
N ARG B 301 14.27 -2.99 -20.94
CA ARG B 301 14.67 -1.82 -21.70
C ARG B 301 13.75 -0.66 -21.36
N GLU B 302 12.40 -0.83 -21.47
CA GLU B 302 11.43 0.26 -21.47
C GLU B 302 11.11 0.74 -20.06
N VAL B 303 11.08 -0.14 -19.08
CA VAL B 303 10.75 0.32 -17.74
C VAL B 303 11.69 1.40 -17.29
N PRO B 304 13.06 1.25 -17.31
CA PRO B 304 13.91 2.33 -16.89
C PRO B 304 13.74 3.56 -17.81
N ALA B 305 13.49 3.41 -19.13
CA ALA B 305 13.32 4.61 -19.99
C ALA B 305 12.09 5.43 -19.52
N ILE B 306 11.00 4.76 -19.19
CA ILE B 306 9.86 5.42 -18.56
C ILE B 306 10.27 6.12 -17.26
N ALA B 307 11.04 5.46 -16.40
CA ALA B 307 11.47 6.06 -15.14
C ALA B 307 12.35 7.28 -15.39
N GLU B 308 13.36 7.09 -16.28
CA GLU B 308 14.30 8.15 -16.65
C GLU B 308 13.56 9.39 -17.19
N GLU B 309 12.46 9.16 -17.91
CA GLU B 309 11.67 10.25 -18.44
C GLU B 309 11.19 11.20 -17.34
N LEU B 310 10.94 10.64 -16.15
CA LEU B 310 10.45 11.43 -15.04
C LEU B 310 11.54 11.78 -14.02
N GLY B 311 12.80 11.45 -14.32
CA GLY B 311 13.93 11.68 -13.43
C GLY B 311 13.96 10.72 -12.24
N VAL B 312 13.20 9.60 -12.36
CA VAL B 312 13.01 8.65 -11.28
C VAL B 312 14.10 7.61 -11.43
N GLY B 313 14.73 7.24 -10.32
CA GLY B 313 15.67 6.12 -10.31
C GLY B 313 14.93 4.79 -10.38
N CYS B 314 15.53 3.78 -11.00
CA CYS B 314 14.84 2.54 -11.27
C CYS B 314 15.80 1.36 -11.10
N SER B 315 15.30 0.28 -10.50
CA SER B 315 16.06 -0.93 -10.27
C SER B 315 15.14 -2.14 -10.40
N ILE B 316 15.54 -3.16 -11.14
CA ILE B 316 14.63 -4.25 -11.47
C ILE B 316 15.26 -5.55 -10.95
N GLU B 317 14.53 -6.29 -10.12
CA GLU B 317 15.07 -7.51 -9.56
C GLU B 317 14.13 -8.61 -10.00
N ALA B 318 14.69 -9.68 -10.62
CA ALA B 318 13.92 -10.87 -10.93
C ALA B 318 13.66 -11.62 -9.63
N ILE B 319 12.41 -11.61 -9.11
CA ILE B 319 12.14 -12.28 -7.85
C ILE B 319 11.50 -13.65 -8.06
N GLY B 320 11.25 -14.06 -9.29
CA GLY B 320 10.67 -15.38 -9.55
C GLY B 320 10.65 -15.67 -11.04
N HIS B 321 10.85 -16.94 -11.39
CA HIS B 321 10.98 -17.29 -12.79
C HIS B 321 10.94 -18.81 -12.94
N PHE B 322 10.20 -19.27 -13.96
CA PHE B 322 10.44 -20.58 -14.57
C PHE B 322 9.95 -20.52 -16.01
N ASP B 323 10.47 -21.39 -16.81
CA ASP B 323 10.18 -21.44 -18.23
C ASP B 323 8.84 -22.17 -18.42
N PRO B 324 8.17 -22.06 -19.59
CA PRO B 324 6.96 -22.82 -19.87
C PRO B 324 7.16 -24.33 -19.73
N VAL B 325 6.20 -25.01 -19.12
CA VAL B 325 6.24 -26.42 -18.82
C VAL B 325 5.35 -27.11 -19.83
N THR B 326 5.84 -28.22 -20.41
CA THR B 326 5.07 -29.06 -21.29
C THR B 326 4.71 -30.27 -20.46
N PHE B 327 3.44 -30.54 -20.22
CA PHE B 327 3.05 -31.76 -19.55
C PHE B 327 3.28 -32.96 -20.48
N ASP B 328 3.46 -34.11 -19.82
CA ASP B 328 3.77 -35.33 -20.54
C ASP B 328 2.62 -35.71 -21.50
N ALA B 329 2.93 -35.84 -22.79
CA ALA B 329 1.96 -35.98 -23.85
C ALA B 329 1.14 -37.25 -23.71
N VAL B 330 1.76 -38.33 -23.19
CA VAL B 330 1.06 -39.58 -22.95
C VAL B 330 0.03 -39.37 -21.86
N LEU B 331 0.40 -38.70 -20.75
CA LEU B 331 -0.56 -38.55 -19.67
C LEU B 331 -1.66 -37.53 -20.08
N VAL B 332 -1.28 -36.49 -20.81
CA VAL B 332 -2.26 -35.54 -21.37
C VAL B 332 -3.30 -36.33 -22.17
N GLY B 333 -2.81 -37.13 -23.12
CA GLY B 333 -3.62 -38.00 -23.98
C GLY B 333 -4.62 -38.85 -23.20
N ARG B 334 -4.14 -39.43 -22.11
CA ARG B 334 -5.02 -40.21 -21.26
C ARG B 334 -6.11 -39.39 -20.63
N VAL B 335 -5.78 -38.21 -20.12
CA VAL B 335 -6.79 -37.29 -19.57
C VAL B 335 -7.81 -36.93 -20.65
N ARG B 336 -7.33 -36.54 -21.83
CA ARG B 336 -8.24 -36.16 -22.90
C ARG B 336 -9.21 -37.29 -23.29
N ALA B 337 -8.64 -38.50 -23.46
CA ALA B 337 -9.37 -39.70 -23.82
C ALA B 337 -10.38 -40.10 -22.75
N ALA B 338 -9.95 -40.10 -21.48
CA ALA B 338 -10.86 -40.41 -20.39
C ALA B 338 -12.04 -39.44 -20.36
N ALA B 339 -11.78 -38.13 -20.56
CA ALA B 339 -12.89 -37.19 -20.65
C ALA B 339 -13.83 -37.58 -21.80
N GLU B 340 -13.24 -37.91 -22.96
CA GLU B 340 -14.07 -38.24 -24.11
C GLU B 340 -14.91 -39.47 -23.81
N ARG B 341 -14.28 -40.53 -23.33
CA ARG B 341 -14.99 -41.79 -23.13
C ARG B 341 -16.11 -41.67 -22.11
N LEU B 342 -15.87 -40.87 -21.06
CA LEU B 342 -16.81 -40.74 -19.97
C LEU B 342 -17.94 -39.80 -20.39
N GLY B 343 -17.85 -39.13 -21.56
CA GLY B 343 -18.89 -38.24 -22.04
C GLY B 343 -18.88 -36.86 -21.36
N TYR B 344 -17.75 -36.43 -20.75
CA TYR B 344 -17.68 -35.09 -20.22
C TYR B 344 -17.22 -34.15 -21.32
N SER B 345 -17.71 -32.91 -21.30
CA SER B 345 -17.24 -31.91 -22.24
C SER B 345 -15.88 -31.43 -21.70
N HIS B 346 -15.01 -31.06 -22.64
CA HIS B 346 -13.61 -30.87 -22.31
C HIS B 346 -12.94 -30.09 -23.39
N MET B 347 -11.88 -29.41 -22.98
CA MET B 347 -11.02 -28.66 -23.86
C MET B 347 -9.60 -28.71 -23.31
N ASP B 348 -8.69 -28.49 -24.24
CA ASP B 348 -7.30 -28.29 -23.86
C ASP B 348 -7.18 -26.87 -23.26
N ILE B 349 -6.39 -26.75 -22.20
CA ILE B 349 -6.21 -25.49 -21.52
C ILE B 349 -4.75 -25.40 -21.05
N ILE B 350 -4.27 -24.17 -20.85
CA ILE B 350 -2.93 -23.88 -20.37
C ILE B 350 -3.05 -23.59 -18.88
N SER B 351 -2.18 -24.16 -18.04
CA SER B 351 -2.21 -23.81 -16.64
C SER B 351 -1.69 -22.39 -16.55
N GLY B 352 -2.51 -21.48 -16.01
CA GLY B 352 -2.17 -20.07 -16.00
C GLY B 352 -1.19 -19.83 -14.88
N ALA B 353 -1.48 -20.45 -13.74
CA ALA B 353 -0.62 -20.42 -12.55
C ALA B 353 0.45 -21.50 -12.56
N GLY B 354 1.43 -21.33 -11.66
CA GLY B 354 2.30 -22.39 -11.24
C GLY B 354 1.60 -23.27 -10.21
N HIS B 355 1.94 -24.57 -10.24
CA HIS B 355 1.48 -25.60 -9.32
C HIS B 355 2.66 -26.52 -9.06
N ASP B 356 2.54 -27.31 -8.00
CA ASP B 356 3.50 -28.36 -7.70
C ASP B 356 3.81 -29.25 -8.92
N ALA B 357 2.78 -29.50 -9.76
CA ALA B 357 2.95 -30.26 -11.00
C ALA B 357 4.05 -29.68 -11.89
N CYS B 358 4.23 -28.34 -11.85
CA CYS B 358 5.17 -27.68 -12.78
C CYS B 358 6.62 -27.98 -12.40
N TRP B 359 6.85 -28.24 -11.11
CA TRP B 359 8.11 -28.73 -10.58
C TRP B 359 8.26 -30.23 -10.74
N THR B 360 7.23 -31.04 -10.44
CA THR B 360 7.32 -32.50 -10.62
C THR B 360 7.61 -32.85 -12.07
N ALA B 361 7.12 -32.03 -13.01
CA ALA B 361 7.39 -32.21 -14.46
C ALA B 361 8.88 -32.31 -14.80
N ARG B 362 9.76 -31.76 -13.98
CA ARG B 362 11.21 -31.89 -14.10
C ARG B 362 11.72 -33.30 -13.81
N VAL B 363 11.10 -34.04 -12.89
CA VAL B 363 11.67 -35.31 -12.45
C VAL B 363 10.80 -36.51 -12.87
N ALA B 364 9.60 -36.24 -13.38
CA ALA B 364 8.60 -37.28 -13.57
C ALA B 364 7.68 -36.90 -14.72
N PRO B 365 7.18 -37.88 -15.54
CA PRO B 365 6.04 -37.63 -16.42
C PRO B 365 4.88 -37.11 -15.54
N SER B 366 4.42 -35.91 -15.85
CA SER B 366 3.48 -35.13 -15.06
C SER B 366 2.39 -34.58 -15.95
N THR B 367 1.17 -34.54 -15.40
CA THR B 367 0.12 -33.71 -16.00
C THR B 367 -0.89 -33.23 -14.96
N MET B 368 -1.77 -32.35 -15.46
CA MET B 368 -2.80 -31.77 -14.64
C MET B 368 -4.15 -31.96 -15.28
N ILE B 369 -5.15 -31.89 -14.41
CA ILE B 369 -6.54 -31.87 -14.84
C ILE B 369 -7.17 -30.65 -14.19
N PHE B 370 -7.97 -29.90 -14.93
CA PHE B 370 -8.69 -28.80 -14.34
C PHE B 370 -10.17 -29.04 -14.32
N CYS B 371 -10.78 -28.51 -13.26
CA CYS B 371 -12.20 -28.26 -13.34
C CYS B 371 -12.45 -26.77 -13.34
N PRO B 372 -13.66 -26.35 -13.72
CA PRO B 372 -14.01 -24.92 -13.73
C PRO B 372 -14.10 -24.38 -12.32
N CYS B 373 -14.06 -23.05 -12.22
CA CYS B 373 -14.42 -22.37 -11.01
C CYS B 373 -15.20 -21.12 -11.39
N VAL B 374 -16.17 -20.81 -10.54
CA VAL B 374 -17.14 -19.74 -10.81
C VAL B 374 -16.43 -18.40 -10.92
N ASP B 375 -16.60 -17.77 -12.10
CA ASP B 375 -16.12 -16.42 -12.44
C ASP B 375 -14.60 -16.34 -12.46
N GLY B 376 -13.92 -17.49 -12.62
CA GLY B 376 -12.48 -17.54 -12.43
C GLY B 376 -11.98 -17.21 -11.04
N LEU B 377 -12.87 -17.14 -10.02
CA LEU B 377 -12.48 -16.64 -8.71
C LEU B 377 -11.63 -17.70 -7.99
N SER B 378 -10.39 -17.29 -7.60
CA SER B 378 -9.52 -18.05 -6.70
C SER B 378 -8.71 -17.08 -5.85
N HIS B 379 -8.04 -17.62 -4.80
CA HIS B 379 -7.28 -16.83 -3.82
C HIS B 379 -8.20 -15.82 -3.15
N ASN B 380 -9.43 -16.25 -2.90
CA ASN B 380 -10.51 -15.45 -2.36
C ASN B 380 -11.49 -16.45 -1.77
N GLU B 381 -12.16 -16.07 -0.67
CA GLU B 381 -13.02 -16.98 0.09
C GLU B 381 -14.27 -17.40 -0.73
N ALA B 382 -14.65 -16.62 -1.75
CA ALA B 382 -15.84 -16.89 -2.55
C ALA B 382 -15.49 -17.82 -3.71
N GLU B 383 -14.26 -18.36 -3.77
CA GLU B 383 -13.87 -19.37 -4.75
C GLU B 383 -14.90 -20.51 -4.75
N GLU B 384 -15.47 -20.84 -5.93
CA GLU B 384 -16.61 -21.77 -5.91
C GLU B 384 -16.52 -22.76 -7.06
N ILE B 385 -16.82 -24.04 -6.76
CA ILE B 385 -17.17 -25.07 -7.73
C ILE B 385 -18.44 -25.77 -7.29
N SER B 386 -19.06 -26.51 -8.23
CA SER B 386 -20.16 -27.39 -7.90
C SER B 386 -19.61 -28.78 -7.56
N PRO B 387 -20.33 -29.57 -6.73
CA PRO B 387 -20.09 -31.01 -6.57
C PRO B 387 -19.99 -31.79 -7.90
N GLU B 388 -20.79 -31.38 -8.89
CA GLU B 388 -20.77 -31.97 -10.23
C GLU B 388 -19.43 -31.72 -10.90
N TRP B 389 -18.97 -30.49 -10.93
CA TRP B 389 -17.65 -30.16 -11.46
C TRP B 389 -16.57 -30.95 -10.72
N ALA B 390 -16.64 -30.97 -9.36
CA ALA B 390 -15.64 -31.66 -8.55
C ALA B 390 -15.53 -33.11 -9.00
N ALA B 391 -16.69 -33.75 -9.17
CA ALA B 391 -16.78 -35.19 -9.41
C ALA B 391 -16.39 -35.50 -10.84
N ALA B 392 -16.83 -34.67 -11.80
CA ALA B 392 -16.47 -34.95 -13.20
C ALA B 392 -14.95 -35.06 -13.33
N GLY B 393 -14.21 -34.03 -12.87
CA GLY B 393 -12.77 -34.10 -12.96
C GLY B 393 -12.12 -35.20 -12.12
N CYS B 394 -12.64 -35.53 -10.95
CA CYS B 394 -12.11 -36.63 -10.17
C CYS B 394 -12.35 -37.96 -10.89
N ASP B 395 -13.45 -38.09 -11.67
CA ASP B 395 -13.70 -39.26 -12.49
C ASP B 395 -12.62 -39.42 -13.56
N VAL B 396 -12.28 -38.29 -14.24
CA VAL B 396 -11.25 -38.30 -15.28
C VAL B 396 -9.92 -38.66 -14.64
N LEU B 397 -9.69 -38.11 -13.43
CA LEU B 397 -8.56 -38.50 -12.62
C LEU B 397 -8.55 -40.01 -12.33
N LEU B 398 -9.62 -40.60 -11.81
CA LEU B 398 -9.69 -42.03 -11.53
C LEU B 398 -9.33 -42.84 -12.77
N HIS B 399 -9.94 -42.52 -13.93
CA HIS B 399 -9.67 -43.25 -15.16
C HIS B 399 -8.21 -43.14 -15.62
N ALA B 400 -7.70 -41.90 -15.69
CA ALA B 400 -6.32 -41.65 -16.14
C ALA B 400 -5.34 -42.38 -15.22
N VAL B 401 -5.60 -42.34 -13.89
CA VAL B 401 -4.69 -42.99 -12.93
C VAL B 401 -4.70 -44.50 -13.12
N LEU B 402 -5.91 -45.07 -13.17
CA LEU B 402 -6.08 -46.51 -13.28
C LEU B 402 -5.52 -47.04 -14.61
N GLU B 403 -5.70 -46.30 -15.70
CA GLU B 403 -5.06 -46.67 -16.95
C GLU B 403 -3.53 -46.66 -16.79
N THR B 404 -2.97 -45.68 -16.05
CA THR B 404 -1.53 -45.51 -15.88
C THR B 404 -0.99 -46.53 -14.86
N ALA B 405 -1.71 -46.76 -13.75
CA ALA B 405 -1.24 -47.67 -12.71
C ALA B 405 -1.48 -49.15 -13.13
N GLU B 406 -2.52 -49.36 -13.96
CA GLU B 406 -2.82 -50.58 -14.69
C GLU B 406 -3.62 -51.50 -13.79
N ILE B 407 -4.87 -51.78 -14.20
CA ILE B 407 -5.71 -52.65 -13.39
C ILE B 407 -5.22 -54.09 -13.51
N VAL B 408 -5.22 -54.83 -12.39
CA VAL B 408 -4.84 -56.23 -12.33
C VAL B 408 -6.05 -57.12 -12.58
N GLN B 409 -7.14 -56.79 -11.89
CA GLN B 409 -8.54 -56.88 -12.32
C GLN B 409 -9.36 -57.49 -11.17
#